data_4PX5
#
_entry.id   4PX5
#
_cell.length_a   148.453
_cell.length_b   148.453
_cell.length_c   132.283
_cell.angle_alpha   90.00
_cell.angle_beta   90.00
_cell.angle_gamma   120.00
#
_symmetry.space_group_name_H-M   'P 65'
#
loop_
_entity.id
_entity.type
_entity.pdbx_description
1 polymer 'Glucokinase regulatory protein'
2 non-polymer N-[(R)-(2-amino-5-chloro-3-fluoropyridin-4-yl){7-[4-(2-hydroxypropan-2-yl)pyridin-2-yl]-1-benzothiophen-2-yl}methyl]cyclopropanesulfonamide
3 non-polymer D-SORBITOL-6-PHOSPHATE
4 non-polymer 'IODIDE ION'
5 non-polymer GLYCEROL
6 non-polymer 'SULFATE ION'
7 water water
#
_entity_poly.entity_id   1
_entity_poly.type   'polypeptide(L)'
_entity_poly.pdbx_seq_one_letter_code
;MAHHHHHHDEVDMPGTKRFQHVIETPEPGKWELSGYEAAVPITEKSNPLTQDLDKADAENIVRLLGQCDAEIFQEEGQAL
STYQRLYSESILTTMVQVAGKVQEVLKEPDGGLVVLSGGGTSGRMAFLMSVSFNQLMKGLGQKPLYTYLIAGGDRSVVAS
REGTEDSALHGIEELKKVAAGKKRVIVIGISVGLSAPFVAGQMDCCMNNTAVFLPVLVGFNPVSMARNDPIEDWSSTFRQ
VAERMQKMQEKQKAFVLNPAIGPEGLSGSSRMKGGSATKILLETLLLAAHKTVDQGIAASQRCLLEILRTFERAHQVTYS
QSPKIATLMKSVSTSLEKKGHVYLVGWQTLGIIAIMDGVECIHTFGADFRDVRGFLIGDHSDMFNQKAELTNQGPQFTFS
QEDFLTSILPSLTEIDTVVFIFTLDDNLTEVQTIVEQVKEKTNHIQALAHSTVGQTLPIPLKKLFPSIISITWPLLFFEY
EGNFIQKFQRELSTKWVLNTVSTGAHVLLGKILQNHMLDLRISNSKLFWRALAMLQRFSGQSKARCIESLLRAIHFPQPL
SDDIRAAPISCHVQVAHEKEQVIPIALLSLLFRCSITEAQAHLAAAPSVCEAVRSALAGPGQKRTADPLEILEPDVQG
;
_entity_poly.pdbx_strand_id   A,B
#
# COMPACT_ATOMS: atom_id res chain seq x y z
N MET A 13 1.60 21.14 10.75
CA MET A 13 2.67 21.20 11.79
C MET A 13 3.34 19.83 11.90
N PRO A 14 4.52 19.77 12.56
CA PRO A 14 5.21 18.49 12.83
C PRO A 14 4.39 17.50 13.71
N GLY A 15 4.43 16.22 13.33
CA GLY A 15 3.59 15.18 13.93
C GLY A 15 2.12 15.11 13.51
N THR A 16 1.60 16.06 12.72
CA THR A 16 0.19 15.96 12.31
C THR A 16 -0.05 14.72 11.42
N LYS A 17 0.89 14.41 10.51
CA LYS A 17 0.72 13.25 9.61
C LYS A 17 0.99 11.93 10.35
N ARG A 18 2.03 11.89 11.20
CA ARG A 18 2.32 10.72 12.05
C ARG A 18 1.08 10.25 12.78
N PHE A 19 0.26 11.17 13.25
CA PHE A 19 -0.75 10.88 14.18
C PHE A 19 -2.10 11.18 13.61
N GLN A 20 -2.16 11.47 12.32
CA GLN A 20 -3.40 11.88 11.63
C GLN A 20 -4.51 10.89 11.81
N HIS A 21 -4.13 9.64 11.78
CA HIS A 21 -5.11 8.57 11.78
C HIS A 21 -5.53 8.15 13.17
N VAL A 22 -4.98 8.76 14.21
CA VAL A 22 -5.49 8.46 15.56
C VAL A 22 -6.84 9.11 15.72
N ILE A 23 -7.82 8.39 16.19
CA ILE A 23 -9.11 9.01 16.43
C ILE A 23 -9.03 9.92 17.65
N GLU A 24 -9.73 11.07 17.56
CA GLU A 24 -9.70 12.08 18.59
C GLU A 24 -10.41 11.54 19.80
N THR A 25 -9.94 11.98 20.96
CA THR A 25 -10.63 11.68 22.20
C THR A 25 -12.04 12.29 22.15
N PRO A 26 -13.06 11.52 22.49
CA PRO A 26 -14.38 12.12 22.55
C PRO A 26 -14.54 13.03 23.80
N GLU A 27 -15.61 13.82 23.83
CA GLU A 27 -16.03 14.61 24.99
C GLU A 27 -16.73 13.70 26.01
N PRO A 28 -16.68 14.09 27.28
CA PRO A 28 -17.23 13.20 28.29
C PRO A 28 -18.66 12.75 27.99
N GLY A 29 -18.96 11.48 28.22
CA GLY A 29 -20.31 10.95 27.96
C GLY A 29 -20.62 10.61 26.50
N LYS A 30 -19.76 10.97 25.55
CA LYS A 30 -20.09 10.76 24.14
C LYS A 30 -19.19 9.71 23.44
N TRP A 31 -18.51 8.89 24.25
CA TRP A 31 -17.60 7.87 23.71
C TRP A 31 -18.36 6.98 22.73
N GLU A 32 -19.62 6.74 23.07
CA GLU A 32 -20.53 5.98 22.22
C GLU A 32 -21.02 6.79 20.99
N LEU A 33 -21.52 8.03 21.21
CA LEU A 33 -22.18 8.80 20.15
C LEU A 33 -21.28 9.37 19.07
N SER A 34 -20.06 9.74 19.44
CA SER A 34 -19.03 10.09 18.47
C SER A 34 -18.77 9.00 17.43
N GLY A 35 -19.19 7.76 17.69
CA GLY A 35 -18.78 6.62 16.88
C GLY A 35 -17.44 5.99 17.35
N TYR A 36 -16.92 6.40 18.51
CA TYR A 36 -15.57 6.00 18.91
C TYR A 36 -15.55 4.51 19.30
N GLU A 37 -16.44 4.11 20.20
CA GLU A 37 -16.60 2.72 20.59
C GLU A 37 -16.70 1.81 19.40
N ALA A 38 -17.41 2.20 18.34
CA ALA A 38 -17.61 1.33 17.18
C ALA A 38 -16.30 1.18 16.39
N ALA A 39 -15.38 2.12 16.55
CA ALA A 39 -14.09 2.04 15.91
C ALA A 39 -13.00 1.26 16.68
N VAL A 40 -13.15 1.03 17.98
CA VAL A 40 -12.16 0.26 18.72
C VAL A 40 -12.13 -1.16 18.13
N PRO A 41 -10.96 -1.62 17.70
CA PRO A 41 -10.88 -3.02 17.25
C PRO A 41 -11.34 -3.98 18.32
N ILE A 42 -12.11 -4.98 17.92
CA ILE A 42 -12.66 -5.95 18.91
C ILE A 42 -11.52 -6.40 19.84
N THR A 43 -10.34 -6.66 19.27
CA THR A 43 -9.21 -7.18 19.99
C THR A 43 -8.61 -6.19 20.98
N GLU A 44 -8.92 -4.91 20.83
CA GLU A 44 -8.39 -3.96 21.75
C GLU A 44 -9.44 -3.51 22.77
N LYS A 45 -10.70 -3.88 22.55
CA LYS A 45 -11.76 -3.39 23.40
C LYS A 45 -11.63 -3.86 24.88
N SER A 46 -12.19 -3.04 25.75
CA SER A 46 -12.54 -3.36 27.12
C SER A 46 -13.72 -4.35 27.16
N ASN A 47 -13.52 -5.56 27.73
CA ASN A 47 -14.61 -6.55 27.76
C ASN A 47 -15.58 -6.14 28.90
N PRO A 48 -16.87 -5.85 28.60
CA PRO A 48 -17.76 -5.33 29.69
C PRO A 48 -17.80 -6.27 30.90
N LEU A 49 -17.75 -7.55 30.64
CA LEU A 49 -17.66 -8.54 31.68
C LEU A 49 -16.60 -8.28 32.76
N THR A 50 -15.47 -7.66 32.39
CA THR A 50 -14.31 -7.61 33.27
C THR A 50 -14.07 -6.17 33.68
N GLN A 51 -15.08 -5.32 33.65
CA GLN A 51 -14.85 -3.91 33.98
C GLN A 51 -14.30 -3.72 35.38
N ASP A 52 -14.64 -4.65 36.28
CA ASP A 52 -14.14 -4.59 37.66
C ASP A 52 -13.20 -5.77 37.96
N LEU A 53 -12.58 -6.34 36.93
CA LEU A 53 -11.68 -7.45 37.13
C LEU A 53 -10.69 -7.17 38.27
N ASP A 54 -10.31 -5.90 38.42
CA ASP A 54 -9.38 -5.52 39.48
C ASP A 54 -9.99 -5.65 40.88
N LYS A 55 -11.32 -5.76 41.01
CA LYS A 55 -11.96 -5.95 42.33
C LYS A 55 -12.41 -7.38 42.62
N ALA A 56 -12.27 -8.26 41.65
CA ALA A 56 -12.78 -9.59 41.81
C ALA A 56 -11.87 -10.44 42.67
N ASP A 57 -12.48 -11.28 43.51
CA ASP A 57 -11.72 -12.21 44.35
C ASP A 57 -11.28 -13.32 43.42
N ALA A 58 -10.41 -14.22 43.88
CA ALA A 58 -9.88 -15.21 42.96
C ALA A 58 -10.95 -16.02 42.21
N GLU A 59 -12.06 -16.28 42.88
CA GLU A 59 -13.07 -17.22 42.39
C GLU A 59 -13.83 -16.57 41.26
N ASN A 60 -14.25 -15.33 41.49
CA ASN A 60 -14.79 -14.49 40.46
C ASN A 60 -13.89 -14.29 39.24
N ILE A 61 -12.58 -14.21 39.49
CA ILE A 61 -11.63 -14.05 38.42
C ILE A 61 -11.72 -15.25 37.51
N VAL A 62 -11.73 -16.45 38.07
CA VAL A 62 -11.84 -17.70 37.27
C VAL A 62 -13.15 -17.73 36.49
N ARG A 63 -14.18 -17.19 37.12
CA ARG A 63 -15.45 -17.23 36.51
C ARG A 63 -15.50 -16.22 35.34
N LEU A 64 -15.05 -15.00 35.59
CA LEU A 64 -15.08 -13.97 34.56
C LEU A 64 -14.27 -14.34 33.34
N LEU A 65 -13.13 -15.00 33.52
CA LEU A 65 -12.31 -15.40 32.38
C LEU A 65 -12.82 -16.62 31.65
N GLY A 66 -13.34 -17.59 32.40
CA GLY A 66 -13.94 -18.77 31.79
C GLY A 66 -15.07 -18.30 30.91
N GLN A 67 -15.75 -17.28 31.36
CA GLN A 67 -16.80 -16.66 30.59
C GLN A 67 -16.28 -15.86 29.37
N CYS A 68 -15.20 -15.12 29.51
CA CYS A 68 -14.60 -14.48 28.36
C CYS A 68 -14.20 -15.54 27.37
N ASP A 69 -13.60 -16.64 27.86
CA ASP A 69 -13.18 -17.75 26.98
C ASP A 69 -14.35 -18.35 26.23
N ALA A 70 -15.48 -18.41 26.91
CA ALA A 70 -16.72 -19.00 26.35
C ALA A 70 -17.18 -18.26 25.09
N GLU A 71 -16.96 -16.93 25.04
CA GLU A 71 -17.43 -16.11 23.90
C GLU A 71 -16.86 -16.63 22.58
N ILE A 72 -15.82 -17.44 22.66
CA ILE A 72 -15.26 -17.96 21.45
C ILE A 72 -16.37 -18.75 20.74
N PHE A 73 -17.25 -19.37 21.51
CA PHE A 73 -18.18 -20.34 20.88
C PHE A 73 -19.61 -19.78 20.74
N GLN A 74 -19.80 -18.62 21.27
CA GLN A 74 -21.04 -17.90 21.15
C GLN A 74 -21.42 -17.53 19.70
N GLU A 75 -22.69 -17.72 19.40
CA GLU A 75 -23.19 -17.59 18.07
C GLU A 75 -23.53 -16.17 17.70
N GLU A 76 -23.52 -15.90 16.38
CA GLU A 76 -23.80 -14.58 15.85
C GLU A 76 -25.25 -14.17 16.14
N GLY A 77 -25.49 -12.91 16.51
CA GLY A 77 -26.86 -12.36 16.67
C GLY A 77 -27.54 -12.05 15.32
N GLN A 78 -28.76 -11.52 15.35
CA GLN A 78 -29.49 -11.19 14.12
C GLN A 78 -29.35 -9.72 13.69
N SER A 81 -26.20 -6.73 10.54
CA SER A 81 -26.15 -5.83 11.67
C SER A 81 -24.81 -6.04 12.41
N THR A 82 -24.43 -7.30 12.60
CA THR A 82 -23.31 -7.64 13.44
C THR A 82 -22.25 -8.58 12.82
N TYR A 83 -21.27 -9.02 13.62
CA TYR A 83 -20.07 -9.64 13.07
C TYR A 83 -20.10 -11.19 13.02
N GLN A 84 -19.70 -11.76 11.88
CA GLN A 84 -19.52 -13.19 11.80
C GLN A 84 -18.62 -13.74 12.98
N ARG A 85 -19.03 -14.91 13.45
CA ARG A 85 -18.38 -15.67 14.50
C ARG A 85 -18.03 -17.03 14.00
N LEU A 86 -17.45 -17.79 14.90
CA LEU A 86 -16.85 -19.06 14.56
C LEU A 86 -17.81 -20.00 13.90
N TYR A 87 -19.04 -20.03 14.44
CA TYR A 87 -20.04 -20.91 13.98
C TYR A 87 -20.85 -20.33 12.83
N SER A 88 -20.55 -19.10 12.40
CA SER A 88 -21.33 -18.48 11.38
C SER A 88 -21.03 -19.22 10.11
N GLU A 89 -22.06 -19.28 9.28
CA GLU A 89 -22.03 -20.10 8.10
C GLU A 89 -20.93 -19.61 7.15
N SER A 90 -20.76 -18.30 7.01
CA SER A 90 -19.71 -17.77 6.15
C SER A 90 -18.31 -18.23 6.62
N ILE A 91 -18.09 -18.27 7.92
CA ILE A 91 -16.78 -18.68 8.45
C ILE A 91 -16.59 -20.16 8.17
N LEU A 92 -17.58 -20.99 8.47
CA LEU A 92 -17.39 -22.46 8.29
C LEU A 92 -17.15 -22.83 6.84
N THR A 93 -17.87 -22.20 5.92
CA THR A 93 -17.65 -22.31 4.45
C THR A 93 -16.19 -21.98 4.11
N THR A 94 -15.67 -20.90 4.65
CA THR A 94 -14.29 -20.54 4.39
C THR A 94 -13.39 -21.65 4.94
N MET A 95 -13.65 -22.12 6.14
CA MET A 95 -12.84 -23.21 6.68
C MET A 95 -12.80 -24.49 5.84
N VAL A 96 -13.92 -24.76 5.16
CA VAL A 96 -14.05 -25.92 4.28
C VAL A 96 -13.22 -25.72 3.02
N GLN A 97 -13.39 -24.58 2.39
CA GLN A 97 -12.61 -24.30 1.18
C GLN A 97 -11.09 -24.31 1.42
N VAL A 98 -10.66 -23.91 2.62
CA VAL A 98 -9.24 -23.90 2.96
C VAL A 98 -8.76 -25.34 3.22
N ALA A 99 -9.48 -26.09 4.04
CA ALA A 99 -9.34 -27.55 4.06
C ALA A 99 -9.12 -28.13 2.64
N GLY A 100 -9.99 -27.75 1.72
CA GLY A 100 -9.92 -28.17 0.32
C GLY A 100 -8.55 -27.93 -0.27
N LYS A 101 -8.03 -26.71 -0.10
CA LYS A 101 -6.74 -26.32 -0.72
C LYS A 101 -5.58 -27.02 -0.09
N VAL A 102 -5.68 -27.25 1.22
CA VAL A 102 -4.71 -28.01 1.95
C VAL A 102 -4.74 -29.47 1.50
N GLN A 103 -5.85 -29.94 0.95
CA GLN A 103 -5.86 -31.29 0.39
C GLN A 103 -5.07 -31.35 -0.92
N GLU A 104 -5.33 -30.42 -1.84
CA GLU A 104 -4.60 -30.40 -3.10
C GLU A 104 -3.09 -30.58 -2.90
N VAL A 105 -2.59 -29.99 -1.81
CA VAL A 105 -1.17 -29.96 -1.53
C VAL A 105 -0.77 -31.26 -0.88
N LEU A 106 -1.63 -31.80 -0.03
CA LEU A 106 -1.42 -33.13 0.53
C LEU A 106 -1.28 -34.26 -0.52
N LYS A 107 -2.12 -34.27 -1.54
CA LYS A 107 -2.03 -35.24 -2.62
C LYS A 107 -0.87 -34.98 -3.60
N GLU A 108 -0.12 -33.87 -3.46
CA GLU A 108 1.01 -33.54 -4.37
C GLU A 108 2.28 -33.11 -3.58
N PRO A 109 2.70 -33.93 -2.61
CA PRO A 109 3.75 -33.53 -1.63
C PRO A 109 5.20 -33.29 -2.15
N ASP A 110 5.43 -33.46 -3.45
CA ASP A 110 6.71 -33.07 -4.02
C ASP A 110 6.57 -31.67 -4.53
N GLY A 111 7.31 -30.77 -3.90
CA GLY A 111 7.26 -29.34 -4.19
C GLY A 111 6.15 -28.58 -3.46
N GLY A 112 5.55 -29.20 -2.45
CA GLY A 112 4.41 -28.63 -1.78
C GLY A 112 4.81 -28.31 -0.38
N LEU A 113 4.26 -27.24 0.20
CA LEU A 113 4.61 -26.88 1.59
C LEU A 113 3.47 -26.11 2.30
N VAL A 114 3.36 -26.31 3.61
CA VAL A 114 2.38 -25.55 4.40
C VAL A 114 3.01 -24.74 5.52
N VAL A 115 3.05 -23.42 5.37
CA VAL A 115 3.67 -22.55 6.43
C VAL A 115 2.66 -21.89 7.39
N LEU A 116 2.83 -22.11 8.68
CA LEU A 116 2.08 -21.40 9.70
C LEU A 116 2.98 -20.30 10.27
N SER A 117 2.51 -19.05 10.33
CA SER A 117 3.40 -17.86 10.59
C SER A 117 2.74 -16.79 11.47
N GLY A 118 3.42 -16.32 12.50
CA GLY A 118 3.03 -15.11 13.19
C GLY A 118 4.08 -14.59 14.16
N GLY A 119 3.74 -13.51 14.86
CA GLY A 119 4.60 -12.88 15.86
C GLY A 119 4.06 -13.25 17.21
N GLY A 120 4.94 -13.30 18.20
CA GLY A 120 4.57 -13.51 19.58
C GLY A 120 3.75 -14.80 19.71
N THR A 121 2.70 -14.79 20.55
CA THR A 121 1.89 -15.96 20.77
C THR A 121 1.32 -16.50 19.52
N SER A 122 1.09 -15.69 18.47
CA SER A 122 0.68 -16.29 17.24
C SER A 122 1.71 -17.18 16.63
N GLY A 123 2.98 -16.77 16.77
CA GLY A 123 4.12 -17.64 16.39
C GLY A 123 4.24 -18.93 17.22
N ARG A 124 4.06 -18.82 18.52
CA ARG A 124 4.11 -19.94 19.37
C ARG A 124 3.01 -20.96 19.02
N MET A 125 1.77 -20.51 18.83
CA MET A 125 0.70 -21.41 18.41
C MET A 125 1.07 -22.12 17.14
N ALA A 126 1.68 -21.39 16.21
CA ALA A 126 2.03 -21.93 14.86
C ALA A 126 3.07 -23.04 14.93
N PHE A 127 3.92 -22.94 15.94
CA PHE A 127 5.01 -23.89 16.14
C PHE A 127 4.42 -25.22 16.57
N LEU A 128 3.68 -25.17 17.68
CA LEU A 128 2.97 -26.32 18.26
C LEU A 128 2.17 -27.10 17.24
N MET A 129 1.38 -26.39 16.44
CA MET A 129 0.61 -27.01 15.40
C MET A 129 1.42 -27.54 14.23
N SER A 130 2.55 -26.92 13.86
CA SER A 130 3.40 -27.46 12.76
C SER A 130 3.97 -28.85 13.13
N VAL A 131 4.30 -29.00 14.40
CA VAL A 131 4.90 -30.21 14.98
C VAL A 131 3.85 -31.33 15.03
N SER A 132 2.73 -31.04 15.71
CA SER A 132 1.59 -31.93 15.72
C SER A 132 1.17 -32.44 14.36
N PHE A 133 1.12 -31.63 13.32
CA PHE A 133 0.71 -32.17 12.04
C PHE A 133 1.81 -32.87 11.27
N ASN A 134 3.06 -32.49 11.59
CA ASN A 134 4.22 -33.16 11.05
C ASN A 134 4.32 -34.54 11.71
N GLN A 135 3.97 -34.64 12.99
CA GLN A 135 3.97 -35.91 13.65
C GLN A 135 2.99 -36.86 12.95
N LEU A 136 1.75 -36.40 12.84
CA LEU A 136 0.69 -37.11 12.12
C LEU A 136 1.11 -37.62 10.76
N MET A 137 1.73 -36.76 9.95
CA MET A 137 2.16 -37.20 8.61
C MET A 137 3.20 -38.35 8.71
N LYS A 138 4.06 -38.27 9.72
CA LYS A 138 5.12 -39.25 9.92
C LYS A 138 4.61 -40.55 10.52
N GLY A 139 3.81 -40.46 11.58
CA GLY A 139 3.15 -41.64 12.14
C GLY A 139 2.50 -42.48 11.06
N LEU A 140 2.08 -41.85 9.96
CA LEU A 140 1.60 -42.50 8.75
C LEU A 140 2.66 -42.69 7.63
N GLY A 141 3.94 -42.53 7.95
CA GLY A 141 5.01 -42.79 6.98
C GLY A 141 5.08 -41.91 5.75
N GLN A 142 4.70 -40.65 5.91
CA GLN A 142 4.81 -39.67 4.80
C GLN A 142 5.63 -38.46 5.23
N LYS A 143 6.26 -37.80 4.26
CA LYS A 143 7.27 -36.78 4.58
C LYS A 143 6.55 -35.51 5.07
N PRO A 144 7.09 -34.89 6.13
CA PRO A 144 6.41 -33.72 6.76
C PRO A 144 6.39 -32.47 5.86
N LEU A 145 5.21 -31.90 5.61
CA LEU A 145 5.10 -30.70 4.72
C LEU A 145 4.78 -29.40 5.46
N TYR A 146 4.78 -29.45 6.79
CA TYR A 146 4.48 -28.27 7.58
C TYR A 146 5.76 -27.63 7.98
N THR A 147 5.73 -26.30 8.06
CA THR A 147 6.73 -25.64 8.87
C THR A 147 6.15 -24.37 9.56
N TYR A 148 6.92 -23.79 10.46
CA TYR A 148 6.46 -22.55 11.09
C TYR A 148 7.42 -21.41 10.88
N LEU A 149 6.95 -20.22 11.07
CA LEU A 149 7.80 -19.04 11.12
C LEU A 149 7.31 -18.24 12.30
N ILE A 150 8.26 -17.74 13.07
CA ILE A 150 7.98 -16.81 14.14
C ILE A 150 8.86 -15.58 14.01
N ALA A 151 8.31 -14.40 14.32
CA ALA A 151 9.08 -13.16 14.14
C ALA A 151 10.24 -13.24 15.09
N GLY A 152 11.44 -12.97 14.58
CA GLY A 152 12.68 -12.95 15.35
C GLY A 152 13.40 -14.30 15.28
N GLY A 153 12.92 -15.19 14.40
CA GLY A 153 13.36 -16.59 14.29
C GLY A 153 13.10 -17.47 15.49
N ASP A 154 13.57 -18.71 15.35
CA ASP A 154 13.07 -19.86 16.09
C ASP A 154 13.26 -19.71 17.56
N ARG A 155 14.27 -18.98 17.96
CA ARG A 155 14.42 -18.65 19.37
C ARG A 155 13.26 -17.85 19.92
N SER A 156 12.54 -17.13 19.06
CA SER A 156 11.39 -16.32 19.56
C SER A 156 10.35 -17.25 20.22
N VAL A 157 10.35 -18.53 19.80
CA VAL A 157 9.35 -19.54 20.26
C VAL A 157 9.25 -19.57 21.78
N VAL A 158 10.36 -19.39 22.49
CA VAL A 158 10.36 -19.58 23.95
C VAL A 158 10.95 -18.36 24.65
N ALA A 159 10.76 -17.21 24.03
CA ALA A 159 11.38 -15.97 24.46
C ALA A 159 10.37 -14.84 24.37
N SER A 160 10.47 -13.92 25.33
CA SER A 160 9.80 -12.64 25.23
C SER A 160 10.58 -11.71 24.33
N ARG A 161 10.09 -11.47 23.12
CA ARG A 161 10.83 -10.66 22.14
C ARG A 161 9.88 -9.78 21.33
N GLU A 162 9.11 -8.97 22.06
CA GLU A 162 7.97 -8.21 21.49
C GLU A 162 8.35 -7.25 20.33
N GLY A 163 9.62 -6.82 20.26
CA GLY A 163 10.10 -5.91 19.17
C GLY A 163 10.15 -6.45 17.76
N THR A 164 10.18 -7.76 17.61
CA THR A 164 10.54 -8.34 16.32
C THR A 164 9.41 -8.36 15.26
N GLU A 165 8.16 -8.21 15.69
CA GLU A 165 7.01 -8.23 14.75
C GLU A 165 6.82 -7.04 13.74
N ASP A 166 7.66 -6.01 13.86
CA ASP A 166 7.42 -4.70 13.21
C ASP A 166 8.05 -4.51 11.85
N SER A 167 8.75 -5.52 11.36
CA SER A 167 9.23 -5.44 9.96
C SER A 167 8.58 -6.40 8.99
N ALA A 168 7.99 -5.84 7.94
CA ALA A 168 7.46 -6.61 6.85
C ALA A 168 8.53 -7.31 6.03
N LEU A 169 9.72 -6.71 5.94
CA LEU A 169 10.76 -7.27 5.07
C LEU A 169 11.32 -8.49 5.73
N HIS A 170 11.41 -8.47 7.05
CA HIS A 170 11.92 -9.61 7.77
C HIS A 170 10.94 -10.82 7.72
N GLY A 171 9.66 -10.51 7.46
CA GLY A 171 8.63 -11.54 7.31
C GLY A 171 8.79 -12.16 5.94
N ILE A 172 8.97 -11.30 4.93
CA ILE A 172 9.10 -11.74 3.59
C ILE A 172 10.37 -12.59 3.41
N GLU A 173 11.44 -12.20 4.11
CA GLU A 173 12.74 -12.85 4.03
C GLU A 173 12.66 -14.27 4.52
N GLU A 174 12.17 -14.44 5.73
CA GLU A 174 11.92 -15.76 6.31
C GLU A 174 11.01 -16.63 5.43
N LEU A 175 10.05 -16.00 4.78
CA LEU A 175 9.18 -16.74 3.93
C LEU A 175 9.93 -17.23 2.66
N LYS A 176 10.69 -16.33 2.04
CA LYS A 176 11.47 -16.68 0.86
C LYS A 176 12.50 -17.75 1.23
N LYS A 177 13.03 -17.68 2.44
CA LYS A 177 13.92 -18.73 2.90
C LYS A 177 13.25 -20.08 2.86
N VAL A 178 12.33 -20.31 3.78
CA VAL A 178 11.73 -21.62 3.86
C VAL A 178 10.94 -22.04 2.58
N ALA A 179 10.64 -21.12 1.68
CA ALA A 179 9.87 -21.50 0.47
C ALA A 179 10.66 -21.76 -0.84
N ALA A 180 11.99 -21.64 -0.84
CA ALA A 180 12.75 -21.75 -2.11
C ALA A 180 12.72 -23.17 -2.65
N GLY A 181 12.53 -23.31 -3.95
CA GLY A 181 12.50 -24.63 -4.56
C GLY A 181 11.10 -25.15 -4.68
N LYS A 182 10.26 -24.82 -3.71
CA LYS A 182 8.89 -25.33 -3.65
C LYS A 182 8.00 -24.82 -4.82
N LYS A 183 6.98 -25.58 -5.21
CA LYS A 183 6.11 -25.14 -6.33
C LYS A 183 4.64 -24.80 -5.96
N ARG A 184 4.26 -25.09 -4.71
CA ARG A 184 2.88 -24.89 -4.19
C ARG A 184 3.05 -24.69 -2.69
N VAL A 185 2.81 -23.47 -2.23
CA VAL A 185 2.95 -23.16 -0.82
C VAL A 185 1.69 -22.49 -0.24
N ILE A 186 1.23 -23.03 0.86
CA ILE A 186 0.11 -22.47 1.51
C ILE A 186 0.70 -21.75 2.70
N VAL A 187 0.41 -20.44 2.77
CA VAL A 187 0.89 -19.60 3.86
C VAL A 187 -0.26 -19.16 4.78
N ILE A 188 -0.26 -19.70 5.96
CA ILE A 188 -1.22 -19.35 6.91
C ILE A 188 -0.63 -18.30 7.83
N GLY A 189 -0.97 -17.04 7.56
CA GLY A 189 -0.50 -15.94 8.44
C GLY A 189 -1.47 -15.61 9.54
N ILE A 190 -1.00 -15.68 10.74
CA ILE A 190 -1.76 -15.57 11.91
C ILE A 190 -1.45 -14.25 12.64
N SER A 191 -2.42 -13.36 12.68
CA SER A 191 -2.36 -12.15 13.45
C SER A 191 -3.73 -11.84 14.06
N VAL A 192 -3.82 -12.04 15.33
CA VAL A 192 -5.06 -11.89 16.03
C VAL A 192 -5.72 -10.60 15.76
N GLY A 193 -4.95 -9.53 15.86
CA GLY A 193 -5.43 -8.19 15.68
C GLY A 193 -5.52 -7.74 14.26
N LEU A 194 -5.10 -8.60 13.35
CA LEU A 194 -4.90 -8.23 11.94
C LEU A 194 -3.98 -6.99 11.94
N SER A 195 -2.83 -7.19 12.56
CA SER A 195 -2.00 -6.14 12.98
C SER A 195 -0.52 -6.25 12.63
N ALA A 196 0.08 -7.45 12.68
CA ALA A 196 1.55 -7.61 12.66
C ALA A 196 2.20 -7.32 11.30
N PRO A 197 3.15 -6.36 11.22
CA PRO A 197 3.66 -6.11 9.85
C PRO A 197 4.39 -7.33 9.29
N PHE A 198 4.96 -8.09 10.17
CA PHE A 198 5.61 -9.35 9.84
C PHE A 198 4.69 -10.21 9.03
N VAL A 199 3.40 -10.27 9.37
CA VAL A 199 2.53 -11.11 8.57
C VAL A 199 2.06 -10.41 7.35
N ALA A 200 1.79 -9.12 7.44
CA ALA A 200 1.33 -8.37 6.26
C ALA A 200 2.22 -8.51 5.01
N GLY A 201 3.50 -8.33 5.20
CA GLY A 201 4.46 -8.54 4.08
C GLY A 201 4.37 -9.95 3.50
N GLN A 202 4.26 -10.99 4.35
CA GLN A 202 4.14 -12.35 3.80
C GLN A 202 2.89 -12.44 2.93
N MET A 203 1.76 -11.91 3.42
CA MET A 203 0.54 -12.02 2.64
C MET A 203 0.66 -11.31 1.28
N ASP A 204 1.24 -10.13 1.29
CA ASP A 204 1.39 -9.35 0.04
C ASP A 204 2.31 -10.05 -0.96
N CYS A 205 3.36 -10.70 -0.45
CA CYS A 205 4.34 -11.41 -1.26
C CYS A 205 3.59 -12.55 -1.92
N CYS A 206 2.92 -13.37 -1.10
CA CYS A 206 1.98 -14.37 -1.65
C CYS A 206 1.07 -13.81 -2.75
N MET A 207 0.44 -12.68 -2.53
CA MET A 207 -0.49 -12.24 -3.54
C MET A 207 0.28 -11.79 -4.81
N ASN A 208 1.53 -11.38 -4.68
CA ASN A 208 2.35 -11.10 -5.90
C ASN A 208 2.81 -12.37 -6.65
N ASN A 209 2.68 -13.57 -6.11
CA ASN A 209 3.07 -14.79 -6.86
C ASN A 209 2.17 -15.97 -6.55
N THR A 210 0.95 -15.90 -7.07
CA THR A 210 -0.05 -16.92 -6.70
C THR A 210 0.19 -18.22 -7.40
N ALA A 211 0.91 -18.15 -8.53
CA ALA A 211 1.32 -19.34 -9.23
C ALA A 211 1.89 -20.32 -8.22
N VAL A 212 2.72 -19.84 -7.30
CA VAL A 212 3.30 -20.66 -6.21
C VAL A 212 2.51 -20.56 -4.87
N PHE A 213 1.98 -19.36 -4.55
CA PHE A 213 1.47 -19.07 -3.20
C PHE A 213 -0.04 -19.01 -3.01
N LEU A 214 -0.51 -19.64 -1.94
CA LEU A 214 -1.88 -19.41 -1.48
C LEU A 214 -1.86 -18.86 -0.04
N PRO A 215 -2.14 -17.56 0.11
CA PRO A 215 -2.13 -16.98 1.44
C PRO A 215 -3.46 -17.16 2.15
N VAL A 216 -3.43 -17.44 3.44
CA VAL A 216 -4.63 -17.54 4.25
C VAL A 216 -4.42 -16.74 5.55
N LEU A 217 -5.21 -15.71 5.74
CA LEU A 217 -5.03 -14.82 6.87
C LEU A 217 -6.02 -15.21 7.99
N VAL A 218 -5.51 -15.32 9.21
CA VAL A 218 -6.22 -15.73 10.36
C VAL A 218 -6.03 -14.69 11.43
N GLY A 219 -7.17 -14.18 11.91
CA GLY A 219 -7.23 -13.26 13.01
C GLY A 219 -8.69 -13.10 13.41
N PHE A 220 -8.97 -12.13 14.26
CA PHE A 220 -10.26 -12.06 14.91
C PHE A 220 -10.87 -10.66 14.94
N ASN A 221 -10.48 -9.82 13.98
CA ASN A 221 -11.21 -8.56 13.75
C ASN A 221 -11.84 -8.59 12.40
N PRO A 222 -12.93 -7.84 12.22
CA PRO A 222 -13.33 -7.63 10.82
C PRO A 222 -12.25 -6.87 10.12
N VAL A 223 -12.14 -7.09 8.82
CA VAL A 223 -11.19 -6.42 8.02
C VAL A 223 -11.31 -4.88 8.13
N SER A 224 -12.51 -4.36 8.27
CA SER A 224 -12.70 -2.91 8.51
C SER A 224 -12.06 -2.41 9.79
N MET A 225 -11.72 -3.31 10.70
CA MET A 225 -10.92 -2.94 11.85
C MET A 225 -9.44 -3.33 11.80
N ALA A 226 -9.00 -3.90 10.69
CA ALA A 226 -7.58 -4.19 10.58
C ALA A 226 -6.80 -2.91 10.70
N ARG A 227 -5.55 -3.05 11.17
CA ARG A 227 -4.69 -1.94 11.32
C ARG A 227 -4.43 -1.21 10.04
N ASN A 228 -4.48 0.11 10.15
CA ASN A 228 -4.24 0.96 9.06
C ASN A 228 -3.06 1.84 9.32
N ASP A 229 -2.00 1.41 10.03
CA ASP A 229 -0.89 2.34 10.21
C ASP A 229 0.23 2.09 9.23
N PRO A 230 0.95 3.17 8.91
CA PRO A 230 2.11 2.95 8.02
C PRO A 230 3.05 1.97 8.65
N ILE A 231 3.57 1.10 7.83
CA ILE A 231 4.54 0.17 8.23
C ILE A 231 5.80 0.75 7.66
N GLU A 232 6.85 0.79 8.46
CA GLU A 232 7.97 1.67 8.17
C GLU A 232 8.84 1.15 7.05
N ASP A 233 8.89 -0.16 6.86
CA ASP A 233 9.67 -0.69 5.75
C ASP A 233 8.78 -1.18 4.56
N TRP A 234 7.67 -0.50 4.28
CA TRP A 234 6.67 -1.09 3.38
C TRP A 234 5.68 0.01 2.94
N SER A 235 4.88 -0.23 1.89
CA SER A 235 3.98 0.78 1.37
C SER A 235 2.48 0.58 1.60
N SER A 236 2.04 -0.66 1.83
CA SER A 236 0.64 -0.88 2.17
C SER A 236 0.50 -1.08 3.66
N THR A 237 -0.72 -1.01 4.14
CA THR A 237 -1.01 -1.17 5.55
C THR A 237 -1.63 -2.56 5.67
N PHE A 238 -1.80 -3.06 6.89
CA PHE A 238 -2.34 -4.39 7.05
C PHE A 238 -3.74 -4.43 6.49
N ARG A 239 -4.45 -3.34 6.70
CA ARG A 239 -5.82 -3.25 6.15
C ARG A 239 -5.95 -3.43 4.63
N GLN A 240 -5.10 -2.71 3.88
CA GLN A 240 -5.12 -2.83 2.43
C GLN A 240 -4.81 -4.22 2.00
N VAL A 241 -3.86 -4.82 2.69
CA VAL A 241 -3.51 -6.16 2.39
C VAL A 241 -4.68 -7.09 2.57
N ALA A 242 -5.30 -7.01 3.74
CA ALA A 242 -6.42 -7.86 4.07
C ALA A 242 -7.59 -7.64 3.12
N GLU A 243 -7.79 -6.38 2.71
CA GLU A 243 -8.86 -6.04 1.74
C GLU A 243 -8.58 -6.65 0.34
N ARG A 244 -7.32 -6.66 -0.09
CA ARG A 244 -6.99 -7.24 -1.41
C ARG A 244 -7.18 -8.76 -1.36
N MET A 245 -6.82 -9.35 -0.21
CA MET A 245 -7.09 -10.76 0.02
C MET A 245 -8.56 -11.11 -0.09
N GLN A 246 -9.36 -10.32 0.58
CA GLN A 246 -10.81 -10.50 0.52
C GLN A 246 -11.36 -10.47 -0.90
N LYS A 247 -10.95 -9.51 -1.71
CA LYS A 247 -11.36 -9.50 -3.13
C LYS A 247 -10.96 -10.83 -3.84
N MET A 248 -9.76 -11.33 -3.55
CA MET A 248 -9.21 -12.51 -4.20
C MET A 248 -9.91 -13.81 -3.86
N GLN A 249 -10.60 -13.81 -2.72
CA GLN A 249 -11.26 -14.98 -2.21
C GLN A 249 -12.40 -15.49 -3.11
N GLU A 250 -13.05 -14.60 -3.85
CA GLU A 250 -14.12 -14.97 -4.81
C GLU A 250 -13.63 -15.91 -5.92
N LYS A 251 -12.34 -15.84 -6.22
CA LYS A 251 -11.70 -16.72 -7.19
C LYS A 251 -10.82 -17.72 -6.46
N GLN A 252 -10.93 -17.77 -5.14
CA GLN A 252 -10.27 -18.79 -4.35
C GLN A 252 -8.72 -18.78 -4.33
N LYS A 253 -8.13 -17.62 -4.54
CA LYS A 253 -6.69 -17.53 -4.49
C LYS A 253 -6.15 -16.87 -3.21
N ALA A 254 -7.02 -16.35 -2.37
CA ALA A 254 -6.65 -15.93 -1.03
C ALA A 254 -7.88 -16.14 -0.14
N PHE A 255 -7.65 -16.38 1.14
CA PHE A 255 -8.74 -16.54 2.10
C PHE A 255 -8.51 -15.73 3.36
N VAL A 256 -9.56 -15.06 3.85
CA VAL A 256 -9.47 -14.35 5.11
C VAL A 256 -10.38 -15.11 6.04
N LEU A 257 -9.82 -15.64 7.13
CA LEU A 257 -10.53 -16.39 8.11
C LEU A 257 -10.58 -15.69 9.47
N ASN A 258 -11.61 -14.92 9.72
CA ASN A 258 -11.54 -13.93 10.76
C ASN A 258 -12.87 -13.75 11.55
N PRO A 259 -13.22 -14.73 12.37
CA PRO A 259 -14.38 -14.63 13.23
C PRO A 259 -14.16 -13.71 14.38
N ALA A 260 -15.17 -12.94 14.75
CA ALA A 260 -15.16 -12.25 16.05
C ALA A 260 -15.36 -13.25 17.19
N ILE A 261 -14.55 -13.10 18.23
CA ILE A 261 -14.62 -13.93 19.43
C ILE A 261 -14.82 -13.09 20.68
N GLY A 262 -14.99 -11.79 20.50
CA GLY A 262 -15.22 -10.87 21.61
C GLY A 262 -13.94 -10.38 22.26
N PRO A 263 -14.01 -9.31 23.05
CA PRO A 263 -12.80 -8.74 23.64
C PRO A 263 -12.14 -9.67 24.58
N GLU A 264 -10.86 -9.43 24.85
CA GLU A 264 -10.14 -10.20 25.89
C GLU A 264 -10.58 -9.75 27.27
N GLY A 265 -10.61 -10.67 28.24
CA GLY A 265 -10.80 -10.35 29.65
C GLY A 265 -9.81 -9.32 30.15
N LEU A 266 -8.55 -9.51 29.79
CA LEU A 266 -7.55 -8.44 29.95
C LEU A 266 -7.34 -7.74 28.58
N SER A 267 -7.66 -6.45 28.49
CA SER A 267 -7.75 -5.73 27.20
C SER A 267 -6.48 -5.83 26.41
N GLY A 268 -6.61 -6.22 25.14
CA GLY A 268 -5.50 -6.41 24.26
C GLY A 268 -4.56 -7.56 24.55
N SER A 269 -4.90 -8.47 25.46
CA SER A 269 -3.98 -9.55 25.82
C SER A 269 -4.34 -10.70 24.92
N SER A 270 -3.95 -10.61 23.65
CA SER A 270 -4.37 -11.52 22.66
C SER A 270 -3.73 -12.92 22.76
N ARG A 271 -2.82 -13.10 23.71
CA ARG A 271 -2.28 -14.42 24.03
C ARG A 271 -3.36 -15.36 24.55
N MET A 272 -4.43 -14.80 25.09
CA MET A 272 -5.47 -15.56 25.76
C MET A 272 -6.50 -16.13 24.76
N LYS A 273 -7.67 -15.54 24.67
CA LYS A 273 -8.64 -16.03 23.70
C LYS A 273 -8.09 -16.06 22.28
N GLY A 274 -7.29 -15.05 21.87
CA GLY A 274 -6.77 -15.09 20.51
C GLY A 274 -5.90 -16.30 20.19
N GLY A 275 -5.05 -16.63 21.14
CA GLY A 275 -4.20 -17.79 20.93
C GLY A 275 -4.99 -19.11 20.94
N SER A 276 -5.90 -19.22 21.89
CA SER A 276 -6.81 -20.41 21.97
C SER A 276 -7.69 -20.58 20.75
N ALA A 277 -8.30 -19.47 20.30
CA ALA A 277 -9.13 -19.55 19.13
C ALA A 277 -8.28 -19.87 17.91
N THR A 278 -7.02 -19.43 17.92
CA THR A 278 -6.13 -19.78 16.85
C THR A 278 -5.98 -21.33 16.72
N LYS A 279 -5.64 -22.00 17.79
CA LYS A 279 -5.49 -23.49 17.81
C LYS A 279 -6.81 -24.11 17.46
N ILE A 280 -7.87 -23.65 18.15
CA ILE A 280 -9.19 -24.17 17.88
C ILE A 280 -9.43 -24.11 16.39
N LEU A 281 -9.31 -22.92 15.83
CA LEU A 281 -9.70 -22.74 14.45
C LEU A 281 -8.87 -23.58 13.49
N LEU A 282 -7.56 -23.63 13.72
CA LEU A 282 -6.71 -24.26 12.69
C LEU A 282 -6.53 -25.78 12.94
N GLU A 283 -6.48 -26.17 14.20
CA GLU A 283 -6.49 -27.61 14.54
C GLU A 283 -7.72 -28.26 13.86
N THR A 284 -8.91 -27.79 14.23
CA THR A 284 -10.14 -28.18 13.54
C THR A 284 -9.98 -28.33 12.01
N LEU A 285 -9.59 -27.24 11.37
CA LEU A 285 -9.56 -27.21 9.89
C LEU A 285 -8.49 -28.17 9.29
N LEU A 286 -7.33 -28.21 9.91
CA LEU A 286 -6.27 -29.03 9.34
C LEU A 286 -6.57 -30.52 9.63
N LEU A 287 -6.94 -30.80 10.87
CA LEU A 287 -7.33 -32.12 11.26
C LEU A 287 -8.44 -32.67 10.38
N ALA A 288 -9.48 -31.88 10.11
CA ALA A 288 -10.47 -32.29 9.11
C ALA A 288 -9.89 -32.55 7.73
N ALA A 289 -8.83 -31.84 7.37
CA ALA A 289 -8.29 -31.93 6.02
C ALA A 289 -7.63 -33.29 5.82
N HIS A 290 -6.88 -33.69 6.83
CA HIS A 290 -6.22 -34.99 6.82
C HIS A 290 -7.25 -36.17 6.87
N LYS A 291 -7.98 -36.28 7.98
CA LYS A 291 -9.05 -37.28 8.14
C LYS A 291 -9.84 -37.56 6.86
N THR A 292 -10.11 -36.54 6.06
CA THR A 292 -10.97 -36.69 4.93
C THR A 292 -10.27 -36.89 3.59
N VAL A 293 -8.97 -36.64 3.48
CA VAL A 293 -8.27 -37.04 2.24
C VAL A 293 -8.30 -38.54 2.17
N ASP A 294 -8.09 -39.15 3.34
CA ASP A 294 -7.99 -40.60 3.48
C ASP A 294 -9.23 -41.18 2.89
N GLN A 295 -10.38 -40.73 3.39
CA GLN A 295 -11.67 -41.28 2.99
C GLN A 295 -12.09 -40.91 1.58
N GLY A 296 -11.29 -40.09 0.89
CA GLY A 296 -11.56 -39.74 -0.50
C GLY A 296 -12.85 -38.97 -0.59
N ILE A 297 -13.01 -38.05 0.35
CA ILE A 297 -14.25 -37.32 0.52
C ILE A 297 -13.88 -35.84 0.66
N ALA A 298 -14.75 -34.97 0.14
CA ALA A 298 -14.64 -33.53 0.41
C ALA A 298 -14.87 -33.25 1.89
N ALA A 299 -13.89 -32.61 2.52
CA ALA A 299 -14.03 -32.00 3.86
C ALA A 299 -15.34 -31.21 3.89
N SER A 300 -16.13 -31.38 4.94
CA SER A 300 -17.49 -30.82 4.96
C SER A 300 -17.73 -30.07 6.24
N GLN A 301 -18.74 -29.19 6.19
CA GLN A 301 -19.08 -28.32 7.31
C GLN A 301 -19.33 -29.15 8.54
N ARG A 302 -19.82 -30.36 8.31
CA ARG A 302 -20.13 -31.32 9.37
C ARG A 302 -18.89 -32.02 9.95
N CYS A 303 -17.86 -32.32 9.18
CA CYS A 303 -16.66 -32.83 9.88
C CYS A 303 -15.99 -31.77 10.82
N LEU A 304 -16.04 -30.51 10.42
CA LEU A 304 -15.49 -29.42 11.23
C LEU A 304 -16.28 -29.30 12.52
N LEU A 305 -17.59 -29.28 12.34
CA LEU A 305 -18.52 -29.13 13.45
C LEU A 305 -18.22 -30.07 14.60
N GLU A 306 -17.90 -31.30 14.25
CA GLU A 306 -17.65 -32.34 15.26
C GLU A 306 -16.53 -31.92 16.18
N ILE A 307 -15.42 -31.61 15.52
CA ILE A 307 -14.21 -31.08 16.13
C ILE A 307 -14.48 -29.80 16.92
N LEU A 308 -15.18 -28.87 16.31
CA LEU A 308 -15.48 -27.64 17.04
C LEU A 308 -16.25 -27.88 18.34
N ARG A 309 -17.34 -28.65 18.27
CA ARG A 309 -18.11 -28.98 19.48
C ARG A 309 -17.27 -29.71 20.57
N THR A 310 -16.37 -30.57 20.13
CA THR A 310 -15.43 -31.22 21.05
C THR A 310 -14.61 -30.16 21.80
N PHE A 311 -13.95 -29.28 21.05
CA PHE A 311 -13.26 -28.13 21.72
C PHE A 311 -14.17 -27.38 22.65
N GLU A 312 -15.41 -27.22 22.24
CA GLU A 312 -16.37 -26.48 23.13
C GLU A 312 -16.71 -27.25 24.44
N ARG A 313 -16.91 -28.55 24.35
CA ARG A 313 -16.98 -29.41 25.58
C ARG A 313 -15.73 -29.23 26.42
N ALA A 314 -14.59 -29.19 25.73
CA ALA A 314 -13.31 -29.01 26.41
C ALA A 314 -13.22 -27.75 27.27
N HIS A 315 -13.87 -26.69 26.83
CA HIS A 315 -13.99 -25.53 27.73
C HIS A 315 -14.83 -25.85 28.96
N GLN A 316 -15.94 -26.55 28.73
CA GLN A 316 -16.86 -26.87 29.86
C GLN A 316 -16.19 -27.81 30.90
N VAL A 317 -15.52 -28.81 30.39
CA VAL A 317 -14.75 -29.76 31.21
C VAL A 317 -13.61 -29.09 32.00
N THR A 318 -12.86 -28.23 31.32
CA THR A 318 -11.79 -27.46 31.96
C THR A 318 -12.32 -26.61 33.09
N TYR A 319 -13.38 -25.87 32.84
CA TYR A 319 -13.88 -24.94 33.85
C TYR A 319 -14.83 -25.61 34.85
N SER A 320 -15.08 -26.91 34.69
CA SER A 320 -15.74 -27.71 35.74
C SER A 320 -14.89 -27.66 37.01
N GLN A 321 -13.58 -27.63 36.79
CA GLN A 321 -12.57 -27.60 37.85
C GLN A 321 -12.29 -26.24 38.39
N SER A 322 -13.25 -25.30 38.27
CA SER A 322 -12.98 -23.91 38.62
C SER A 322 -12.48 -23.64 40.04
N PRO A 323 -13.14 -24.23 41.06
CA PRO A 323 -12.70 -24.08 42.46
C PRO A 323 -11.18 -24.28 42.74
N LYS A 324 -10.60 -25.34 42.21
CA LYS A 324 -9.18 -25.66 42.40
C LYS A 324 -8.32 -24.86 41.44
N ILE A 325 -8.93 -24.33 40.36
CA ILE A 325 -8.22 -23.38 39.54
C ILE A 325 -8.01 -22.16 40.39
N ALA A 326 -9.05 -21.70 41.06
CA ALA A 326 -8.89 -20.51 41.92
C ALA A 326 -7.85 -20.69 43.04
N THR A 327 -7.76 -21.90 43.60
CA THR A 327 -6.84 -22.15 44.72
C THR A 327 -5.41 -22.03 44.23
N LEU A 328 -5.12 -22.74 43.15
CA LEU A 328 -3.80 -22.70 42.53
C LEU A 328 -3.45 -21.28 42.31
N MET A 329 -4.41 -20.49 41.83
CA MET A 329 -4.20 -19.06 41.62
C MET A 329 -3.77 -18.38 42.92
N LYS A 330 -4.60 -18.52 43.96
CA LYS A 330 -4.34 -17.87 45.27
C LYS A 330 -2.92 -18.14 45.75
N SER A 331 -2.46 -19.37 45.56
CA SER A 331 -1.12 -19.76 45.96
C SER A 331 -0.08 -19.05 45.11
N VAL A 332 -0.30 -19.01 43.79
CA VAL A 332 0.67 -18.41 42.87
C VAL A 332 0.85 -16.96 43.21
N SER A 333 -0.24 -16.34 43.60
CA SER A 333 -0.22 -14.94 43.92
C SER A 333 0.57 -14.68 45.21
N THR A 334 0.20 -15.43 46.26
CA THR A 334 0.84 -15.31 47.58
C THR A 334 2.32 -15.36 47.46
N SER A 335 2.80 -16.35 46.71
CA SER A 335 4.23 -16.60 46.50
C SER A 335 4.94 -15.45 45.71
N LEU A 336 4.23 -14.86 44.75
CA LEU A 336 4.70 -13.68 44.06
C LEU A 336 4.70 -12.47 45.00
N GLU A 337 3.64 -12.33 45.79
CA GLU A 337 3.56 -11.29 46.80
C GLU A 337 4.68 -11.27 47.85
N LYS A 338 5.30 -12.43 48.14
CA LYS A 338 6.36 -12.51 49.14
C LYS A 338 7.73 -12.51 48.48
N LYS A 339 7.82 -12.03 47.25
CA LYS A 339 9.06 -12.04 46.51
C LYS A 339 9.56 -13.46 46.18
N GLY A 340 8.75 -14.48 46.46
CA GLY A 340 9.07 -15.84 46.01
C GLY A 340 8.86 -16.03 44.52
N HIS A 341 9.05 -17.26 44.04
CA HIS A 341 9.03 -17.60 42.62
C HIS A 341 8.15 -18.83 42.32
N VAL A 342 7.71 -18.95 41.05
CA VAL A 342 6.73 -19.98 40.63
C VAL A 342 7.24 -20.90 39.52
N TYR A 343 7.06 -22.19 39.75
CA TYR A 343 7.62 -23.17 38.86
C TYR A 343 6.46 -23.96 38.25
N LEU A 344 6.56 -24.21 36.95
CA LEU A 344 5.55 -24.85 36.15
C LEU A 344 6.28 -25.94 35.44
N VAL A 345 6.22 -27.12 36.03
CA VAL A 345 6.97 -28.24 35.55
C VAL A 345 6.00 -29.15 34.83
N GLY A 346 6.38 -29.66 33.67
CA GLY A 346 5.47 -30.47 32.86
C GLY A 346 6.12 -31.29 31.74
N TRP A 347 5.33 -32.22 31.17
CA TRP A 347 5.88 -33.19 30.21
C TRP A 347 5.46 -33.03 28.77
N GLN A 348 6.39 -33.40 27.89
CA GLN A 348 6.29 -33.15 26.46
C GLN A 348 5.57 -31.79 26.21
N THR A 349 4.69 -31.79 25.20
CA THR A 349 3.95 -30.64 24.79
C THR A 349 3.35 -29.79 25.89
N LEU A 350 2.95 -30.37 27.01
CA LEU A 350 2.43 -29.53 28.10
C LEU A 350 3.46 -28.73 28.83
N GLY A 351 4.71 -29.19 28.77
CA GLY A 351 5.78 -28.47 29.42
C GLY A 351 6.11 -27.23 28.60
N ILE A 352 6.07 -27.36 27.26
CA ILE A 352 6.29 -26.27 26.34
C ILE A 352 5.29 -25.19 26.65
N ILE A 353 4.04 -25.59 26.79
CA ILE A 353 2.98 -24.63 27.01
C ILE A 353 3.22 -23.94 28.32
N ALA A 354 3.76 -24.70 29.27
CA ALA A 354 4.15 -24.15 30.56
C ALA A 354 5.22 -23.02 30.40
N ILE A 355 6.19 -23.30 29.56
CA ILE A 355 7.28 -22.40 29.25
C ILE A 355 6.72 -21.17 28.49
N MET A 356 5.90 -21.39 27.48
CA MET A 356 5.33 -20.26 26.78
C MET A 356 4.63 -19.38 27.78
N ASP A 357 3.84 -19.96 28.68
CA ASP A 357 3.08 -19.08 29.61
C ASP A 357 3.95 -18.25 30.54
N GLY A 358 4.96 -18.83 31.16
CA GLY A 358 5.81 -18.06 32.10
C GLY A 358 6.55 -16.90 31.43
N VAL A 359 7.13 -17.16 30.25
CA VAL A 359 7.77 -16.15 29.44
C VAL A 359 6.80 -14.98 29.07
N GLU A 360 5.58 -15.31 28.66
CA GLU A 360 4.62 -14.28 28.33
C GLU A 360 4.33 -13.35 29.51
N CYS A 361 4.51 -13.80 30.74
CA CYS A 361 4.26 -12.89 31.92
C CYS A 361 5.29 -11.72 32.02
N ILE A 362 6.45 -11.92 31.42
CA ILE A 362 7.54 -10.90 31.42
C ILE A 362 7.02 -9.58 30.75
N HIS A 363 6.67 -9.69 29.46
CA HIS A 363 6.10 -8.51 28.78
C HIS A 363 4.67 -8.26 29.23
N THR A 364 3.88 -9.28 29.54
CA THR A 364 2.49 -8.95 29.89
C THR A 364 2.40 -8.17 31.18
N PHE A 365 3.14 -8.55 32.22
CA PHE A 365 2.90 -7.97 33.55
C PHE A 365 4.10 -7.20 34.14
N GLY A 366 5.17 -7.05 33.35
CA GLY A 366 6.39 -6.48 33.89
C GLY A 366 7.17 -7.44 34.78
N ALA A 367 7.05 -8.74 34.55
CA ALA A 367 7.56 -9.74 35.51
C ALA A 367 9.01 -10.09 35.22
N ASP A 368 9.79 -10.38 36.26
CA ASP A 368 11.10 -11.04 36.08
C ASP A 368 10.83 -12.46 35.54
N PHE A 369 11.70 -12.96 34.66
CA PHE A 369 11.56 -14.30 34.12
C PHE A 369 11.53 -15.42 35.18
N ARG A 370 12.02 -15.15 36.38
CA ARG A 370 12.01 -16.16 37.44
C ARG A 370 10.64 -16.23 38.12
N ASP A 371 9.92 -15.11 38.12
CA ASP A 371 8.61 -14.99 38.78
C ASP A 371 7.60 -16.13 38.48
N VAL A 372 7.51 -16.49 37.22
CA VAL A 372 6.66 -17.57 36.78
C VAL A 372 7.40 -18.18 35.61
N ARG A 373 7.92 -19.39 35.83
CA ARG A 373 8.73 -20.02 34.82
C ARG A 373 8.39 -21.51 34.62
N GLY A 374 8.68 -22.01 33.42
CA GLY A 374 8.29 -23.33 33.00
C GLY A 374 9.48 -24.21 32.61
N PHE A 375 9.28 -25.51 32.74
CA PHE A 375 10.30 -26.50 32.51
C PHE A 375 9.70 -27.71 31.77
N LEU A 376 10.27 -28.04 30.61
CA LEU A 376 10.01 -29.36 29.97
C LEU A 376 10.94 -30.51 30.47
N ILE A 377 10.36 -31.64 30.84
CA ILE A 377 11.12 -32.85 31.20
C ILE A 377 11.09 -33.95 30.14
N PHE A 397 15.56 -23.92 30.22
CA PHE A 397 14.12 -24.29 30.04
C PHE A 397 13.84 -25.81 29.92
N THR A 398 14.59 -26.46 29.04
CA THR A 398 14.49 -27.90 28.79
C THR A 398 15.44 -28.67 29.72
N PHE A 399 15.22 -28.60 31.05
CA PHE A 399 16.14 -29.22 32.04
C PHE A 399 15.49 -30.46 32.65
N SER A 400 15.89 -31.65 32.15
CA SER A 400 15.29 -32.97 32.48
C SER A 400 15.83 -33.66 33.78
N GLN A 401 15.41 -34.91 34.03
CA GLN A 401 15.28 -35.44 35.41
C GLN A 401 16.35 -35.07 36.46
N GLU A 402 17.50 -35.74 36.43
CA GLU A 402 18.52 -35.52 37.47
C GLU A 402 19.03 -34.07 37.36
N ASP A 403 19.12 -33.58 36.12
CA ASP A 403 19.55 -32.19 35.87
C ASP A 403 18.65 -31.20 36.63
N PHE A 404 17.33 -31.34 36.49
CA PHE A 404 16.41 -30.48 37.23
C PHE A 404 16.68 -30.61 38.72
N LEU A 405 16.82 -31.84 39.18
CA LEU A 405 17.03 -32.15 40.60
C LEU A 405 18.37 -31.64 41.16
N THR A 406 19.41 -31.60 40.32
CA THR A 406 20.76 -31.13 40.73
C THR A 406 20.93 -29.62 40.55
N SER A 407 20.47 -29.07 39.42
CA SER A 407 20.46 -27.60 39.24
C SER A 407 19.30 -26.84 39.96
N ILE A 408 18.04 -27.03 39.58
CA ILE A 408 16.96 -26.16 40.15
C ILE A 408 16.57 -26.53 41.58
N LEU A 409 16.35 -27.82 41.83
CA LEU A 409 15.86 -28.29 43.15
C LEU A 409 16.54 -27.64 44.40
N PRO A 410 17.90 -27.46 44.40
CA PRO A 410 18.64 -26.84 45.52
C PRO A 410 18.03 -25.60 46.17
N SER A 411 17.79 -24.56 45.36
CA SER A 411 17.57 -23.20 45.86
C SER A 411 16.09 -22.78 46.01
N LEU A 412 15.27 -23.59 46.67
CA LEU A 412 13.82 -23.35 46.67
C LEU A 412 13.36 -22.56 47.90
N THR A 413 12.21 -22.85 48.52
CA THR A 413 11.81 -22.12 49.73
C THR A 413 10.39 -22.42 50.13
N GLU A 414 10.19 -22.50 51.44
CA GLU A 414 8.87 -22.43 52.11
C GLU A 414 7.74 -21.81 51.27
N ILE A 415 8.02 -20.67 50.65
CA ILE A 415 6.99 -19.79 50.05
C ILE A 415 6.75 -19.98 48.53
N ASP A 416 7.67 -20.66 47.85
CA ASP A 416 7.57 -20.94 46.43
C ASP A 416 6.50 -21.99 46.09
N THR A 417 5.97 -21.89 44.85
CA THR A 417 4.94 -22.78 44.38
C THR A 417 5.40 -23.51 43.15
N VAL A 418 5.19 -24.83 43.17
CA VAL A 418 5.58 -25.71 42.06
C VAL A 418 4.34 -26.42 41.54
N VAL A 419 4.09 -26.28 40.23
CA VAL A 419 2.98 -26.96 39.57
C VAL A 419 3.48 -28.05 38.63
N PHE A 420 2.86 -29.21 38.78
CA PHE A 420 3.18 -30.38 37.97
C PHE A 420 2.01 -30.63 37.01
N ILE A 421 2.36 -30.83 35.75
CA ILE A 421 1.44 -30.81 34.65
C ILE A 421 1.83 -31.98 33.80
N PHE A 422 0.92 -32.95 33.75
CA PHE A 422 1.19 -34.21 33.06
C PHE A 422 -0.13 -34.99 32.85
N THR A 423 -0.04 -35.97 31.97
CA THR A 423 -1.09 -36.97 31.76
C THR A 423 -0.70 -38.31 32.35
N LEU A 424 -1.70 -39.14 32.58
CA LEU A 424 -1.49 -40.49 33.11
C LEU A 424 -0.87 -41.42 32.07
N ASP A 425 -0.67 -40.95 30.84
CA ASP A 425 0.15 -41.67 29.86
C ASP A 425 1.62 -41.29 29.90
N ASP A 426 2.01 -40.46 30.87
CA ASP A 426 3.41 -39.98 30.98
C ASP A 426 4.28 -40.94 31.80
N ASN A 427 5.60 -40.81 31.66
CA ASN A 427 6.55 -41.47 32.54
C ASN A 427 6.28 -41.05 34.00
N LEU A 428 5.28 -41.69 34.62
CA LEU A 428 4.84 -41.36 35.99
C LEU A 428 5.84 -41.71 37.10
N THR A 429 6.90 -42.43 36.70
CA THR A 429 8.07 -42.69 37.57
C THR A 429 8.91 -41.43 37.69
N GLU A 430 9.29 -40.85 36.55
CA GLU A 430 9.95 -39.54 36.50
C GLU A 430 9.16 -38.61 37.42
N VAL A 431 7.85 -38.55 37.18
CA VAL A 431 6.97 -37.62 37.91
C VAL A 431 7.14 -37.76 39.41
N GLN A 432 6.90 -38.95 39.95
CA GLN A 432 6.85 -39.12 41.41
C GLN A 432 8.20 -38.85 42.10
N THR A 433 9.28 -39.15 41.39
CA THR A 433 10.65 -38.87 41.84
C THR A 433 10.78 -37.40 42.12
N ILE A 434 10.47 -36.60 41.12
CA ILE A 434 10.67 -35.15 41.23
C ILE A 434 9.75 -34.54 42.29
N VAL A 435 8.52 -35.04 42.40
CA VAL A 435 7.57 -34.47 43.31
C VAL A 435 8.07 -34.63 44.74
N GLU A 436 8.51 -35.87 45.03
CA GLU A 436 9.19 -36.28 46.29
C GLU A 436 10.23 -35.27 46.81
N GLN A 437 11.34 -35.13 46.07
CA GLN A 437 12.39 -34.19 46.48
C GLN A 437 11.80 -32.82 46.66
N VAL A 438 10.97 -32.37 45.72
CA VAL A 438 10.34 -31.03 45.84
C VAL A 438 9.47 -30.90 47.08
N LYS A 439 8.81 -32.00 47.47
CA LYS A 439 7.99 -32.01 48.68
C LYS A 439 8.70 -31.43 49.91
N GLU A 440 9.97 -31.79 50.05
CA GLU A 440 10.76 -31.37 51.21
C GLU A 440 11.08 -29.87 51.18
N LYS A 441 11.50 -29.37 50.01
CA LYS A 441 11.80 -27.94 49.82
C LYS A 441 10.55 -27.06 50.05
N THR A 442 9.44 -27.42 49.40
CA THR A 442 8.17 -26.73 49.66
C THR A 442 6.96 -27.68 49.73
N ASN A 443 6.01 -27.20 50.53
CA ASN A 443 4.64 -27.65 50.65
C ASN A 443 3.65 -27.19 49.51
N HIS A 444 3.83 -25.97 48.99
CA HIS A 444 2.97 -25.43 47.91
C HIS A 444 3.25 -26.08 46.58
N ILE A 445 2.96 -27.37 46.51
CA ILE A 445 2.88 -28.08 45.25
C ILE A 445 1.39 -28.17 44.92
N GLN A 446 1.10 -28.43 43.64
CA GLN A 446 -0.26 -28.69 43.17
C GLN A 446 -0.03 -29.39 41.87
N ALA A 447 -1.04 -30.06 41.35
CA ALA A 447 -0.84 -30.73 40.06
C ALA A 447 -2.00 -30.50 39.13
N LEU A 448 -1.69 -30.68 37.84
CA LEU A 448 -2.66 -30.62 36.76
C LEU A 448 -2.52 -31.91 36.01
N ALA A 449 -3.47 -32.81 36.22
CA ALA A 449 -3.39 -34.17 35.70
C ALA A 449 -4.55 -34.49 34.75
N HIS A 450 -4.19 -34.93 33.54
CA HIS A 450 -5.16 -35.26 32.52
C HIS A 450 -5.29 -36.78 32.38
N SER A 451 -6.52 -37.30 32.37
CA SER A 451 -6.79 -38.75 32.16
C SER A 451 -7.94 -39.01 31.19
N THR A 452 -7.87 -40.12 30.44
CA THR A 452 -9.05 -40.82 29.91
C THR A 452 -9.78 -41.50 31.08
N VAL A 453 -11.10 -41.40 31.13
CA VAL A 453 -11.90 -42.04 32.23
C VAL A 453 -11.53 -43.50 32.49
N GLY A 454 -11.40 -43.86 33.77
CA GLY A 454 -10.99 -45.22 34.15
C GLY A 454 -9.49 -45.47 34.26
N GLN A 455 -8.69 -44.48 33.88
CA GLN A 455 -7.29 -44.49 34.30
C GLN A 455 -7.30 -44.04 35.77
N THR A 456 -6.29 -44.49 36.53
CA THR A 456 -6.18 -44.11 37.95
C THR A 456 -4.75 -43.75 38.30
N LEU A 457 -4.63 -42.92 39.32
CA LEU A 457 -3.35 -42.50 39.86
C LEU A 457 -2.67 -43.65 40.59
N PRO A 458 -1.45 -44.05 40.17
CA PRO A 458 -0.63 -44.67 41.21
C PRO A 458 -0.69 -43.87 42.54
N ILE A 459 -0.83 -44.59 43.66
CA ILE A 459 -1.10 -43.96 45.00
C ILE A 459 0.14 -43.28 45.70
N PRO A 460 1.38 -43.63 45.31
CA PRO A 460 2.47 -42.74 45.76
C PRO A 460 2.38 -41.31 45.17
N LEU A 461 1.92 -41.18 43.93
CA LEU A 461 1.59 -39.86 43.34
C LEU A 461 0.37 -39.17 43.95
N LYS A 462 -0.64 -39.93 44.38
CA LYS A 462 -1.90 -39.33 44.84
C LYS A 462 -1.72 -38.65 46.19
N LYS A 463 -1.15 -39.39 47.13
CA LYS A 463 -1.02 -38.91 48.50
C LYS A 463 -0.18 -37.65 48.53
N LEU A 464 0.74 -37.53 47.57
CA LEU A 464 1.54 -36.32 47.39
C LEU A 464 0.71 -35.06 46.98
N PHE A 465 -0.50 -35.21 46.42
CA PHE A 465 -1.40 -34.03 46.14
C PHE A 465 -2.79 -34.06 46.78
N PRO A 466 -3.03 -33.25 47.82
CA PRO A 466 -4.36 -33.21 48.47
C PRO A 466 -5.54 -32.78 47.58
N SER A 467 -5.44 -31.65 46.87
CA SER A 467 -6.59 -31.08 46.10
C SER A 467 -6.44 -31.20 44.56
N ILE A 468 -5.79 -32.28 44.11
CA ILE A 468 -5.29 -32.35 42.74
C ILE A 468 -6.30 -31.86 41.70
N ILE A 469 -5.78 -31.24 40.63
CA ILE A 469 -6.62 -30.82 39.49
C ILE A 469 -6.52 -31.89 38.41
N SER A 470 -7.44 -32.84 38.45
CA SER A 470 -7.54 -33.84 37.40
C SER A 470 -8.71 -33.52 36.48
N ILE A 471 -8.43 -33.64 35.20
CA ILE A 471 -9.38 -33.42 34.16
C ILE A 471 -9.44 -34.79 33.52
N THR A 472 -10.60 -35.40 33.62
CA THR A 472 -10.80 -36.69 33.00
C THR A 472 -11.65 -36.45 31.79
N TRP A 473 -11.17 -36.98 30.67
CA TRP A 473 -11.79 -36.86 29.36
C TRP A 473 -12.62 -38.13 28.97
N PRO A 474 -13.89 -37.92 28.56
CA PRO A 474 -14.63 -38.98 27.94
C PRO A 474 -13.82 -39.78 26.93
N LEU A 475 -14.19 -41.04 26.71
CA LEU A 475 -13.69 -41.80 25.57
C LEU A 475 -14.27 -41.18 24.30
N LEU A 476 -13.46 -41.10 23.24
CA LEU A 476 -13.89 -40.68 21.91
C LEU A 476 -13.29 -41.59 20.87
N PHE A 477 -14.07 -41.90 19.84
CA PHE A 477 -13.56 -42.62 18.66
C PHE A 477 -12.50 -41.78 17.92
N PHE A 478 -11.43 -42.42 17.45
CA PHE A 478 -10.33 -41.67 16.81
C PHE A 478 -9.56 -42.42 15.70
N GLU A 479 -9.36 -41.72 14.58
CA GLU A 479 -8.84 -42.30 13.36
C GLU A 479 -7.36 -42.72 13.51
N TYR A 480 -6.52 -41.80 14.00
CA TYR A 480 -5.04 -41.97 13.94
C TYR A 480 -4.37 -42.42 15.23
N GLU A 481 -3.17 -42.99 15.06
CA GLU A 481 -2.39 -43.64 16.15
C GLU A 481 -2.07 -42.74 17.36
N GLY A 482 -1.46 -41.56 17.11
CA GLY A 482 -1.11 -40.60 18.18
C GLY A 482 -2.32 -39.98 18.88
N ASN A 483 -3.50 -40.13 18.27
CA ASN A 483 -4.77 -39.68 18.84
C ASN A 483 -4.73 -38.15 19.01
N PHE A 484 -4.61 -37.47 17.89
CA PHE A 484 -4.24 -36.08 17.90
C PHE A 484 -5.30 -35.22 18.54
N ILE A 485 -6.55 -35.58 18.34
CA ILE A 485 -7.67 -34.84 18.91
C ILE A 485 -7.63 -34.86 20.41
N GLN A 486 -7.06 -35.91 21.00
CA GLN A 486 -6.79 -35.89 22.45
C GLN A 486 -5.61 -34.96 22.90
N LYS A 487 -4.58 -34.83 22.07
CA LYS A 487 -3.46 -33.89 22.37
C LYS A 487 -4.07 -32.48 22.37
N PHE A 488 -4.78 -32.16 21.27
CA PHE A 488 -5.39 -30.83 21.09
C PHE A 488 -6.23 -30.44 22.25
N GLN A 489 -7.10 -31.33 22.71
CA GLN A 489 -7.91 -31.05 23.92
C GLN A 489 -7.09 -30.72 25.13
N ARG A 490 -6.06 -31.52 25.34
CA ARG A 490 -5.25 -31.43 26.53
C ARG A 490 -4.43 -30.12 26.54
N GLU A 491 -3.74 -29.89 25.43
CA GLU A 491 -2.99 -28.64 25.19
C GLU A 491 -3.88 -27.44 25.44
N LEU A 492 -5.04 -27.40 24.79
CA LEU A 492 -5.94 -26.25 25.02
C LEU A 492 -6.36 -26.07 26.48
N SER A 493 -6.64 -27.19 27.15
CA SER A 493 -7.20 -27.11 28.48
C SER A 493 -6.12 -26.58 29.42
N THR A 494 -4.89 -27.01 29.19
CA THR A 494 -3.74 -26.55 29.98
C THR A 494 -3.55 -25.04 29.70
N LYS A 495 -3.57 -24.67 28.41
CA LYS A 495 -3.44 -23.25 28.06
C LYS A 495 -4.39 -22.46 28.87
N TRP A 496 -5.66 -22.88 28.90
CA TRP A 496 -6.66 -22.10 29.63
C TRP A 496 -6.36 -22.06 31.05
N VAL A 497 -6.02 -23.20 31.64
CA VAL A 497 -5.70 -23.18 33.07
C VAL A 497 -4.49 -22.25 33.38
N LEU A 498 -3.41 -22.39 32.63
CA LEU A 498 -2.22 -21.59 32.98
C LEU A 498 -2.44 -20.09 32.73
N ASN A 499 -2.98 -19.72 31.56
CA ASN A 499 -3.38 -18.31 31.26
C ASN A 499 -4.25 -17.74 32.38
N THR A 500 -5.24 -18.50 32.82
CA THR A 500 -6.14 -17.94 33.81
C THR A 500 -5.38 -17.78 35.14
N VAL A 501 -4.46 -18.70 35.39
CA VAL A 501 -3.80 -18.66 36.71
C VAL A 501 -2.80 -17.49 36.72
N SER A 502 -1.92 -17.48 35.71
CA SER A 502 -0.90 -16.45 35.64
C SER A 502 -1.50 -15.08 35.60
N THR A 503 -2.61 -14.92 34.88
CA THR A 503 -3.21 -13.57 34.69
C THR A 503 -3.88 -13.10 35.96
N GLY A 504 -4.71 -13.95 36.55
CA GLY A 504 -5.45 -13.53 37.76
C GLY A 504 -4.55 -13.38 38.98
N ALA A 505 -3.49 -14.19 39.02
CA ALA A 505 -2.50 -14.00 40.10
C ALA A 505 -2.01 -12.54 40.05
N HIS A 506 -1.64 -12.05 38.88
CA HIS A 506 -1.17 -10.65 38.80
C HIS A 506 -2.23 -9.64 39.02
N VAL A 507 -3.48 -9.98 38.71
CA VAL A 507 -4.58 -9.05 39.00
C VAL A 507 -4.79 -8.95 40.52
N LEU A 508 -4.61 -10.08 41.22
CA LEU A 508 -4.76 -10.07 42.68
C LEU A 508 -3.73 -9.13 43.32
N LEU A 509 -2.52 -9.16 42.81
CA LEU A 509 -1.47 -8.23 43.22
C LEU A 509 -1.75 -6.77 42.94
N GLY A 510 -2.87 -6.45 42.30
CA GLY A 510 -3.24 -5.03 42.10
C GLY A 510 -2.55 -4.35 40.88
N LYS A 511 -1.88 -5.14 40.06
CA LYS A 511 -1.17 -4.63 38.88
C LYS A 511 -2.01 -4.14 37.67
N ILE A 512 -3.32 -4.45 37.69
CA ILE A 512 -4.19 -4.22 36.54
C ILE A 512 -5.10 -3.12 36.95
N LEU A 513 -5.44 -2.25 36.00
CA LEU A 513 -6.28 -1.12 36.27
C LEU A 513 -7.62 -1.31 35.52
N GLN A 514 -8.70 -1.56 36.28
CA GLN A 514 -9.97 -2.04 35.73
C GLN A 514 -9.77 -3.36 34.93
N ASN A 515 -9.78 -3.31 33.59
CA ASN A 515 -9.37 -4.46 32.76
C ASN A 515 -8.25 -4.09 31.77
N HIS A 516 -7.46 -3.08 32.13
CA HIS A 516 -6.30 -2.68 31.31
C HIS A 516 -4.98 -2.89 32.02
N MET A 517 -3.95 -3.25 31.28
CA MET A 517 -2.58 -3.18 31.82
C MET A 517 -2.00 -1.83 31.43
N LEU A 518 -2.13 -0.86 32.33
CA LEU A 518 -1.60 0.47 32.07
C LEU A 518 -0.08 0.53 31.96
N ASP A 519 0.61 -0.15 32.86
CA ASP A 519 2.04 0.01 32.99
C ASP A 519 2.78 -1.01 32.15
N LEU A 520 2.59 -0.96 30.85
CA LEU A 520 3.26 -1.91 29.98
C LEU A 520 4.51 -1.25 29.42
N ARG A 521 5.41 -2.10 28.93
CA ARG A 521 6.65 -1.68 28.28
C ARG A 521 6.36 -1.50 26.82
N ILE A 522 6.69 -0.32 26.29
CA ILE A 522 6.43 -0.06 24.89
C ILE A 522 7.53 -0.70 24.05
N SER A 523 7.25 -1.85 23.44
CA SER A 523 8.29 -2.57 22.70
C SER A 523 8.01 -2.76 21.27
N ASN A 524 6.84 -2.34 20.84
CA ASN A 524 6.56 -2.29 19.42
C ASN A 524 5.54 -1.21 19.17
N SER A 525 5.27 -0.95 17.91
CA SER A 525 4.34 0.07 17.49
C SER A 525 2.93 -0.19 17.97
N LYS A 526 2.48 -1.41 17.89
CA LYS A 526 1.15 -1.72 18.47
C LYS A 526 1.01 -1.26 19.92
N LEU A 527 2.01 -1.58 20.71
CA LEU A 527 1.98 -1.25 22.11
C LEU A 527 2.11 0.26 22.30
N PHE A 528 2.82 0.95 21.42
CA PHE A 528 2.84 2.41 21.47
C PHE A 528 1.43 2.96 21.33
N TRP A 529 0.71 2.45 20.34
CA TRP A 529 -0.68 2.94 20.06
C TRP A 529 -1.63 2.60 21.16
N ARG A 530 -1.41 1.45 21.80
CA ARG A 530 -2.29 1.02 22.91
C ARG A 530 -1.99 1.95 24.10
N ALA A 531 -0.73 2.30 24.32
CA ALA A 531 -0.41 3.23 25.38
C ALA A 531 -1.13 4.57 25.18
N LEU A 532 -0.99 5.13 24.00
CA LEU A 532 -1.68 6.38 23.63
C LEU A 532 -3.19 6.29 23.82
N ALA A 533 -3.82 5.24 23.32
CA ALA A 533 -5.25 5.09 23.50
C ALA A 533 -5.63 4.96 24.95
N MET A 534 -4.86 4.17 25.70
CA MET A 534 -5.10 4.11 27.13
C MET A 534 -4.99 5.50 27.80
N LEU A 535 -4.04 6.34 27.37
CA LEU A 535 -3.92 7.72 27.91
C LEU A 535 -5.11 8.61 27.53
N GLN A 536 -5.63 8.44 26.33
CA GLN A 536 -6.90 9.10 25.97
C GLN A 536 -8.07 8.63 26.81
N ARG A 537 -8.14 7.32 27.09
CA ARG A 537 -9.27 6.74 27.79
C ARG A 537 -9.32 7.14 29.27
N PHE A 538 -8.19 7.10 29.94
CA PHE A 538 -8.11 7.35 31.38
C PHE A 538 -8.01 8.84 31.70
N SER A 539 -7.39 9.64 30.85
CA SER A 539 -7.30 11.10 31.11
C SER A 539 -8.56 11.81 30.64
N GLY A 540 -9.05 11.37 29.50
CA GLY A 540 -10.21 12.00 28.89
C GLY A 540 -9.81 13.23 28.11
N GLN A 541 -8.51 13.47 27.96
CA GLN A 541 -8.00 14.72 27.34
C GLN A 541 -7.72 14.55 25.86
N SER A 542 -7.48 15.66 25.15
CA SER A 542 -7.32 15.55 23.69
C SER A 542 -6.13 14.68 23.33
N LYS A 543 -6.02 14.37 22.03
CA LYS A 543 -5.01 13.51 21.52
C LYS A 543 -3.73 14.27 21.43
N ALA A 544 -3.80 15.52 21.02
CA ALA A 544 -2.63 16.39 21.00
C ALA A 544 -1.91 16.37 22.36
N ARG A 545 -2.64 16.49 23.46
CA ARG A 545 -2.00 16.48 24.80
C ARG A 545 -1.50 15.07 25.19
N CYS A 546 -2.29 14.04 24.89
CA CYS A 546 -1.90 12.71 25.26
C CYS A 546 -0.63 12.34 24.54
N ILE A 547 -0.60 12.61 23.26
CA ILE A 547 0.60 12.40 22.47
C ILE A 547 1.82 13.13 23.03
N GLU A 548 1.63 14.39 23.38
CA GLU A 548 2.73 15.21 23.91
C GLU A 548 3.23 14.67 25.23
N SER A 549 2.31 14.42 26.14
CA SER A 549 2.74 13.89 27.41
C SER A 549 3.48 12.51 27.24
N LEU A 550 2.96 11.61 26.40
CA LEU A 550 3.65 10.32 26.12
C LEU A 550 5.02 10.53 25.49
N LEU A 551 5.13 11.38 24.47
CA LEU A 551 6.47 11.62 23.90
C LEU A 551 7.44 12.28 24.85
N ARG A 552 6.95 13.14 25.72
CA ARG A 552 7.82 13.73 26.76
C ARG A 552 8.28 12.68 27.77
N ALA A 553 7.38 11.82 28.22
CA ALA A 553 7.78 10.81 29.21
C ALA A 553 8.77 9.87 28.58
N ILE A 554 8.52 9.50 27.33
CA ILE A 554 9.44 8.62 26.65
C ILE A 554 10.78 9.21 26.56
N HIS A 555 10.88 10.44 26.08
CA HIS A 555 12.20 10.94 25.68
C HIS A 555 12.93 11.76 26.73
N PHE A 556 12.22 12.11 27.80
CA PHE A 556 12.82 12.76 28.98
C PHE A 556 14.14 12.13 29.28
N PRO A 557 15.18 12.94 29.53
CA PRO A 557 15.24 14.42 29.73
C PRO A 557 15.30 15.33 28.47
N GLN A 558 15.33 14.73 27.29
CA GLN A 558 15.26 15.52 26.08
C GLN A 558 13.90 16.15 25.99
N PRO A 559 13.86 17.43 25.61
CA PRO A 559 12.57 18.11 25.35
C PRO A 559 11.99 17.75 24.02
N LEU A 560 10.72 18.01 23.84
CA LEU A 560 10.09 17.77 22.52
C LEU A 560 10.54 18.72 21.39
N SER A 561 11.51 18.34 20.59
CA SER A 561 11.82 19.08 19.38
C SER A 561 10.89 18.67 18.24
N ASP A 562 10.94 19.40 17.12
CA ASP A 562 10.16 19.08 15.93
C ASP A 562 10.65 17.76 15.25
N ASP A 563 11.94 17.42 15.36
CA ASP A 563 12.50 16.12 14.92
C ASP A 563 11.77 14.96 15.65
N ILE A 564 11.77 15.02 16.98
CA ILE A 564 11.06 14.06 17.82
C ILE A 564 9.61 14.01 17.47
N ARG A 565 8.97 15.15 17.25
CA ARG A 565 7.56 15.11 16.91
C ARG A 565 7.26 14.39 15.57
N ALA A 566 8.21 14.41 14.68
CA ALA A 566 7.98 13.97 13.34
C ALA A 566 8.63 12.63 13.15
N ALA A 567 9.22 12.05 14.22
CA ALA A 567 10.01 10.87 14.05
C ALA A 567 9.08 9.69 13.72
N PRO A 568 9.62 8.63 13.08
CA PRO A 568 8.79 7.44 12.94
C PRO A 568 8.53 6.80 14.29
N ILE A 569 7.48 5.99 14.34
CA ILE A 569 7.03 5.43 15.57
C ILE A 569 8.16 4.58 16.16
N SER A 570 8.97 3.93 15.33
CA SER A 570 10.02 3.05 15.83
C SER A 570 11.04 3.77 16.70
N CYS A 571 11.29 5.06 16.42
CA CYS A 571 12.24 5.78 17.23
C CYS A 571 11.69 5.99 18.66
N HIS A 572 10.40 6.26 18.78
CA HIS A 572 9.78 6.29 20.09
C HIS A 572 9.92 4.91 20.82
N VAL A 573 9.62 3.85 20.09
CA VAL A 573 9.65 2.49 20.65
C VAL A 573 11.02 2.19 21.18
N GLN A 574 12.02 2.37 20.34
CA GLN A 574 13.38 2.02 20.74
C GLN A 574 13.85 2.68 22.05
N VAL A 575 13.44 3.92 22.29
CA VAL A 575 13.75 4.64 23.53
C VAL A 575 12.85 4.19 24.69
N ALA A 576 11.54 4.07 24.45
CA ALA A 576 10.59 3.63 25.53
C ALA A 576 10.90 2.24 25.97
N HIS A 577 11.31 1.37 25.06
CA HIS A 577 11.62 -0.01 25.41
C HIS A 577 12.54 -0.17 26.61
N GLU A 578 13.44 0.78 26.72
CA GLU A 578 14.47 0.78 27.78
C GLU A 578 14.05 1.50 29.06
N LYS A 579 12.80 1.91 29.24
CA LYS A 579 12.45 2.65 30.45
C LYS A 579 11.37 2.00 31.27
N GLU A 580 11.07 2.60 32.41
CA GLU A 580 10.19 2.06 33.41
C GLU A 580 9.12 3.04 33.68
N GLN A 581 7.90 2.58 33.83
CA GLN A 581 6.79 3.44 34.19
C GLN A 581 6.54 4.60 33.23
N VAL A 582 7.01 4.49 32.02
CA VAL A 582 6.65 5.50 31.06
C VAL A 582 5.18 5.93 31.10
N ILE A 583 4.27 4.97 30.99
CA ILE A 583 2.87 5.33 30.76
C ILE A 583 2.21 5.91 31.97
N PRO A 584 2.51 5.36 33.13
CA PRO A 584 2.03 6.06 34.32
C PRO A 584 2.61 7.49 34.54
N ILE A 585 3.89 7.69 34.25
CA ILE A 585 4.46 9.06 34.28
C ILE A 585 3.70 9.98 33.33
N ALA A 586 3.38 9.49 32.14
CA ALA A 586 2.58 10.27 31.21
C ALA A 586 1.20 10.55 31.76
N LEU A 587 0.57 9.57 32.38
CA LEU A 587 -0.76 9.81 32.85
C LEU A 587 -0.74 10.83 33.98
N LEU A 588 0.28 10.78 34.81
CA LEU A 588 0.30 11.65 35.98
C LEU A 588 0.44 13.09 35.49
N SER A 589 1.45 13.31 34.64
CA SER A 589 1.62 14.59 33.98
C SER A 589 0.32 15.17 33.45
N LEU A 590 -0.52 14.35 32.85
CA LEU A 590 -1.78 14.80 32.29
C LEU A 590 -2.83 15.05 33.39
N LEU A 591 -2.95 14.12 34.34
CA LEU A 591 -3.92 14.31 35.40
C LEU A 591 -3.61 15.58 36.25
N PHE A 592 -2.36 15.79 36.66
CA PHE A 592 -1.99 17.02 37.40
C PHE A 592 -1.70 18.28 36.57
N ARG A 593 -1.62 18.14 35.25
CA ARG A 593 -1.25 19.24 34.38
C ARG A 593 0.14 19.71 34.69
N CYS A 594 1.04 18.77 34.93
CA CYS A 594 2.36 19.12 35.45
C CYS A 594 3.39 18.60 34.57
N SER A 595 4.65 18.90 34.86
CA SER A 595 5.75 18.44 34.04
C SER A 595 6.11 16.96 34.34
N ILE A 596 7.01 16.43 33.54
CA ILE A 596 7.55 15.10 33.76
C ILE A 596 8.42 15.16 35.05
N THR A 597 9.25 16.17 35.24
CA THR A 597 10.05 16.31 36.47
C THR A 597 9.14 16.18 37.69
N GLU A 598 7.98 16.80 37.62
CA GLU A 598 7.08 16.82 38.77
C GLU A 598 6.36 15.49 38.97
N ALA A 599 5.93 14.87 37.88
CA ALA A 599 5.20 13.63 37.95
C ALA A 599 6.10 12.50 38.44
N GLN A 600 7.35 12.46 38.02
CA GLN A 600 8.33 11.56 38.54
C GLN A 600 8.60 11.65 40.04
N ALA A 601 8.57 12.86 40.58
CA ALA A 601 8.84 13.06 42.00
C ALA A 601 7.65 12.62 42.82
N HIS A 602 6.47 12.78 42.23
CA HIS A 602 5.27 12.34 42.87
C HIS A 602 5.14 10.81 42.83
N LEU A 603 5.47 10.21 41.70
CA LEU A 603 5.49 8.79 41.64
C LEU A 603 6.53 8.23 42.61
N ALA A 604 7.69 8.86 42.74
CA ALA A 604 8.69 8.45 43.77
C ALA A 604 8.21 8.63 45.21
N ALA A 605 7.25 9.52 45.45
CA ALA A 605 6.77 9.78 46.79
C ALA A 605 5.51 9.00 47.08
N ALA A 606 5.02 8.25 46.10
CA ALA A 606 3.88 7.40 46.38
C ALA A 606 4.36 6.06 46.97
N PRO A 607 3.50 5.39 47.76
CA PRO A 607 3.81 4.02 48.18
C PRO A 607 4.07 3.06 47.01
N SER A 608 3.30 3.17 45.93
CA SER A 608 3.49 2.32 44.75
C SER A 608 2.93 2.95 43.46
N VAL A 609 3.38 2.47 42.31
CA VAL A 609 2.85 2.89 41.02
C VAL A 609 1.32 2.93 41.07
N CYS A 610 0.74 1.77 41.33
CA CYS A 610 -0.72 1.54 41.33
C CYS A 610 -1.48 2.41 42.30
N GLU A 611 -0.90 2.61 43.49
CA GLU A 611 -1.53 3.47 44.49
C GLU A 611 -1.57 4.88 43.90
N ALA A 612 -0.43 5.33 43.38
CA ALA A 612 -0.33 6.68 42.79
C ALA A 612 -1.30 6.95 41.67
N VAL A 613 -1.45 5.99 40.76
CA VAL A 613 -2.31 6.16 39.59
C VAL A 613 -3.76 6.30 40.03
N ARG A 614 -4.23 5.34 40.85
CA ARG A 614 -5.65 5.35 41.33
C ARG A 614 -5.96 6.62 42.09
N SER A 615 -5.07 6.93 43.02
CA SER A 615 -5.09 8.17 43.76
C SER A 615 -5.34 9.30 42.77
N ALA A 616 -4.43 9.50 41.82
CA ALA A 616 -4.59 10.59 40.85
C ALA A 616 -5.93 10.48 40.17
N LEU A 617 -6.34 9.29 39.80
CA LEU A 617 -7.63 9.18 39.11
C LEU A 617 -8.87 9.53 39.95
N ALA A 618 -8.74 9.96 41.21
CA ALA A 618 -9.93 10.42 42.02
C ALA A 618 -10.00 11.93 42.33
N MET B 13 -23.86 -0.47 0.83
CA MET B 13 -24.32 -1.21 -0.39
C MET B 13 -23.09 -1.56 -1.24
N PRO B 14 -23.24 -2.54 -2.18
CA PRO B 14 -22.24 -2.68 -3.26
C PRO B 14 -22.04 -1.37 -4.08
N GLY B 15 -20.80 -0.89 -4.15
CA GLY B 15 -20.47 0.40 -4.77
C GLY B 15 -19.91 1.40 -3.77
N THR B 16 -20.33 1.31 -2.51
CA THR B 16 -19.83 2.26 -1.51
C THR B 16 -18.33 2.05 -1.27
N LYS B 17 -17.85 0.81 -1.41
CA LYS B 17 -16.41 0.55 -1.27
C LYS B 17 -15.65 1.14 -2.46
N ARG B 18 -15.99 0.74 -3.69
CA ARG B 18 -15.20 1.15 -4.86
C ARG B 18 -15.21 2.61 -5.14
N PHE B 19 -16.14 3.35 -4.56
CA PHE B 19 -16.30 4.73 -4.87
C PHE B 19 -16.27 5.60 -3.61
N GLN B 20 -15.93 5.03 -2.47
CA GLN B 20 -15.94 5.78 -1.19
C GLN B 20 -14.91 6.90 -1.19
N HIS B 21 -13.83 6.73 -1.93
CA HIS B 21 -12.81 7.78 -2.03
C HIS B 21 -13.11 8.91 -3.00
N VAL B 22 -14.22 8.82 -3.75
CA VAL B 22 -14.59 9.96 -4.59
C VAL B 22 -15.19 11.07 -3.72
N ILE B 23 -14.77 12.29 -3.97
CA ILE B 23 -15.28 13.39 -3.20
C ILE B 23 -16.67 13.78 -3.71
N GLU B 24 -17.62 13.86 -2.78
CA GLU B 24 -19.00 14.22 -3.09
C GLU B 24 -19.06 15.54 -3.81
N THR B 25 -20.08 15.65 -4.68
CA THR B 25 -20.35 16.88 -5.42
C THR B 25 -20.74 17.99 -4.47
N PRO B 26 -20.05 19.14 -4.52
CA PRO B 26 -20.54 20.24 -3.70
C PRO B 26 -21.97 20.64 -4.08
N GLU B 27 -22.47 21.69 -3.44
CA GLU B 27 -23.74 22.29 -3.79
C GLU B 27 -23.42 23.63 -4.38
N PRO B 28 -24.40 24.19 -5.11
CA PRO B 28 -24.18 25.46 -5.83
C PRO B 28 -23.58 26.57 -4.98
N GLY B 29 -22.58 27.26 -5.53
CA GLY B 29 -21.91 28.35 -4.84
C GLY B 29 -20.86 27.89 -3.86
N LYS B 30 -20.83 26.59 -3.53
CA LYS B 30 -19.97 26.05 -2.47
C LYS B 30 -18.76 25.17 -2.94
N TRP B 31 -18.41 25.21 -4.21
CA TRP B 31 -17.25 24.43 -4.69
C TRP B 31 -15.97 24.86 -3.94
N GLU B 32 -15.57 26.10 -4.20
CA GLU B 32 -14.82 26.98 -3.30
C GLU B 32 -14.85 26.61 -1.81
N LEU B 33 -15.91 27.00 -1.10
CA LEU B 33 -16.03 26.92 0.37
C LEU B 33 -15.98 25.54 0.98
N SER B 34 -16.58 24.56 0.32
CA SER B 34 -16.52 23.18 0.79
C SER B 34 -15.10 22.60 0.77
N GLY B 35 -14.14 23.26 0.11
CA GLY B 35 -12.76 22.72 0.03
C GLY B 35 -12.53 21.71 -1.09
N TYR B 36 -13.51 21.61 -1.99
CA TYR B 36 -13.42 20.72 -3.15
C TYR B 36 -12.34 21.20 -4.14
N GLU B 37 -12.37 22.47 -4.53
CA GLU B 37 -11.34 23.00 -5.42
C GLU B 37 -9.96 22.71 -4.89
N ALA B 38 -9.75 22.95 -3.61
CA ALA B 38 -8.44 22.80 -3.01
C ALA B 38 -7.98 21.41 -3.27
N ALA B 39 -8.93 20.49 -3.39
CA ALA B 39 -8.59 19.09 -3.54
C ALA B 39 -8.45 18.58 -4.98
N VAL B 40 -8.85 19.34 -6.00
CA VAL B 40 -8.57 18.93 -7.37
C VAL B 40 -7.06 18.92 -7.62
N PRO B 41 -6.51 17.82 -8.12
CA PRO B 41 -5.08 17.90 -8.45
C PRO B 41 -4.78 18.97 -9.47
N ILE B 42 -3.65 19.64 -9.28
CA ILE B 42 -3.26 20.73 -10.24
C ILE B 42 -3.43 20.19 -11.69
N THR B 43 -3.07 18.93 -11.90
CA THR B 43 -2.98 18.37 -13.27
C THR B 43 -4.37 18.12 -13.77
N GLU B 44 -5.34 18.01 -12.86
CA GLU B 44 -6.71 17.86 -13.33
C GLU B 44 -7.51 19.12 -13.39
N LYS B 45 -7.00 20.20 -12.80
CA LYS B 45 -7.82 21.39 -12.67
C LYS B 45 -8.14 22.05 -13.99
N SER B 46 -9.26 22.77 -14.00
CA SER B 46 -9.61 23.73 -15.01
C SER B 46 -8.74 24.94 -14.91
N ASN B 47 -8.03 25.32 -15.96
CA ASN B 47 -7.14 26.45 -15.84
C ASN B 47 -7.89 27.76 -16.03
N PRO B 48 -7.98 28.59 -14.98
CA PRO B 48 -8.79 29.85 -15.10
C PRO B 48 -8.54 30.71 -16.36
N LEU B 49 -7.33 30.72 -16.90
CA LEU B 49 -7.09 31.43 -18.15
C LEU B 49 -7.85 30.88 -19.38
N THR B 50 -8.38 29.66 -19.29
CA THR B 50 -8.90 29.01 -20.47
C THR B 50 -10.37 28.62 -20.35
N GLN B 51 -11.08 29.14 -19.35
CA GLN B 51 -12.54 28.84 -19.18
C GLN B 51 -13.44 29.14 -20.39
N ASP B 52 -13.01 30.02 -21.25
CA ASP B 52 -13.78 30.36 -22.45
C ASP B 52 -13.01 30.03 -23.70
N LEU B 53 -12.11 29.05 -23.58
CA LEU B 53 -11.29 28.65 -24.70
C LEU B 53 -12.16 28.23 -25.84
N ASP B 54 -13.27 27.57 -25.54
CA ASP B 54 -14.25 27.20 -26.58
C ASP B 54 -14.97 28.37 -27.24
N LYS B 55 -14.61 29.61 -26.90
CA LYS B 55 -15.18 30.80 -27.52
C LYS B 55 -14.10 31.76 -28.00
N ALA B 56 -12.86 31.30 -28.03
CA ALA B 56 -11.74 32.12 -28.47
C ALA B 56 -11.45 31.82 -29.93
N ASP B 57 -11.05 32.86 -30.68
CA ASP B 57 -10.55 32.65 -32.04
C ASP B 57 -9.13 32.20 -32.02
N ALA B 58 -8.61 31.85 -33.17
CA ALA B 58 -7.31 31.22 -33.25
C ALA B 58 -6.22 32.01 -32.56
N GLU B 59 -6.18 33.31 -32.81
CA GLU B 59 -5.01 34.07 -32.35
C GLU B 59 -5.09 34.14 -30.83
N ASN B 60 -6.29 34.27 -30.31
CA ASN B 60 -6.52 34.19 -28.89
C ASN B 60 -6.14 32.83 -28.29
N ILE B 61 -6.55 31.74 -28.94
CA ILE B 61 -6.14 30.42 -28.52
C ILE B 61 -4.62 30.37 -28.36
N VAL B 62 -3.90 30.91 -29.32
CA VAL B 62 -2.43 30.84 -29.24
C VAL B 62 -1.90 31.68 -28.07
N ARG B 63 -2.53 32.83 -27.88
CA ARG B 63 -2.20 33.68 -26.81
C ARG B 63 -2.44 32.93 -25.48
N LEU B 64 -3.61 32.32 -25.32
CA LEU B 64 -3.97 31.64 -24.08
C LEU B 64 -3.05 30.43 -23.75
N LEU B 65 -2.73 29.61 -24.75
CA LEU B 65 -1.92 28.45 -24.46
C LEU B 65 -0.52 28.85 -24.24
N GLY B 66 -0.10 29.96 -24.87
CA GLY B 66 1.26 30.41 -24.72
C GLY B 66 1.43 30.80 -23.27
N GLN B 67 0.40 31.47 -22.80
CA GLN B 67 0.28 31.88 -21.41
C GLN B 67 0.31 30.63 -20.49
N CYS B 68 -0.45 29.59 -20.84
CA CYS B 68 -0.44 28.36 -20.02
C CYS B 68 0.95 27.81 -19.91
N ASP B 69 1.68 27.73 -21.02
CA ASP B 69 3.04 27.17 -21.00
C ASP B 69 4.04 28.03 -20.24
N ALA B 70 3.79 29.34 -20.27
CA ALA B 70 4.65 30.29 -19.55
C ALA B 70 4.70 29.95 -18.07
N GLU B 71 3.57 29.42 -17.56
CA GLU B 71 3.38 29.12 -16.14
C GLU B 71 4.41 28.13 -15.68
N ILE B 72 4.99 27.37 -16.61
CA ILE B 72 6.00 26.36 -16.23
C ILE B 72 7.12 27.04 -15.47
N PHE B 73 7.46 28.26 -15.90
CA PHE B 73 8.68 28.96 -15.47
C PHE B 73 8.37 30.06 -14.46
N GLN B 74 7.11 30.38 -14.30
CA GLN B 74 6.65 31.18 -13.18
C GLN B 74 7.14 30.82 -11.74
N GLU B 75 7.53 31.84 -10.98
CA GLU B 75 8.14 31.63 -9.67
C GLU B 75 7.08 31.60 -8.63
N GLU B 76 7.41 30.93 -7.52
CA GLU B 76 6.44 30.68 -6.44
C GLU B 76 5.94 31.97 -5.78
N GLY B 77 4.64 32.05 -5.49
CA GLY B 77 4.04 33.26 -4.87
C GLY B 77 4.16 33.28 -3.35
N GLN B 78 3.25 33.99 -2.68
CA GLN B 78 3.20 34.05 -1.20
C GLN B 78 1.79 33.82 -0.65
N SER B 81 0.69 28.60 1.50
CA SER B 81 -0.51 28.49 0.66
C SER B 81 -0.23 27.95 -0.76
N THR B 82 0.60 28.63 -1.55
CA THR B 82 0.90 28.09 -2.89
C THR B 82 2.17 27.27 -2.89
N TYR B 83 2.31 26.49 -3.96
CA TYR B 83 3.13 25.29 -4.01
C TYR B 83 4.55 25.50 -4.56
N GLN B 84 5.46 24.60 -4.24
CA GLN B 84 6.81 24.72 -4.71
C GLN B 84 6.81 24.65 -6.28
N ARG B 85 7.72 25.38 -6.92
CA ARG B 85 7.74 25.59 -8.36
C ARG B 85 9.12 25.30 -8.88
N LEU B 86 9.28 25.38 -10.19
CA LEU B 86 10.52 24.96 -10.85
C LEU B 86 11.74 25.69 -10.36
N TYR B 87 11.56 26.98 -10.14
CA TYR B 87 12.62 27.80 -9.69
C TYR B 87 12.84 27.80 -8.18
N SER B 88 11.95 27.16 -7.44
CA SER B 88 12.05 27.21 -6.01
C SER B 88 13.28 26.49 -5.56
N GLU B 89 13.82 26.94 -4.44
CA GLU B 89 15.11 26.48 -3.95
C GLU B 89 15.08 24.99 -3.58
N SER B 90 13.97 24.52 -3.02
CA SER B 90 13.92 23.09 -2.74
C SER B 90 13.99 22.22 -4.03
N ILE B 91 13.37 22.69 -5.12
CA ILE B 91 13.35 21.98 -6.43
C ILE B 91 14.78 21.95 -7.00
N LEU B 92 15.41 23.14 -7.16
CA LEU B 92 16.82 23.20 -7.69
C LEU B 92 17.78 22.35 -6.89
N THR B 93 17.59 22.32 -5.60
CA THR B 93 18.40 21.44 -4.74
C THR B 93 18.20 19.94 -5.04
N THR B 94 16.96 19.50 -5.13
CA THR B 94 16.71 18.13 -5.54
C THR B 94 17.34 17.84 -6.86
N MET B 95 17.22 18.78 -7.79
CA MET B 95 17.87 18.64 -9.11
C MET B 95 19.36 18.40 -9.07
N VAL B 96 20.12 19.18 -8.26
CA VAL B 96 21.53 18.94 -8.22
C VAL B 96 21.87 17.71 -7.45
N GLN B 97 21.15 17.38 -6.40
CA GLN B 97 21.44 16.12 -5.74
C GLN B 97 21.28 14.94 -6.72
N VAL B 98 20.17 14.89 -7.45
CA VAL B 98 19.96 13.84 -8.43
C VAL B 98 21.10 13.90 -9.50
N ALA B 99 21.45 15.07 -9.99
CA ALA B 99 22.62 15.15 -10.92
C ALA B 99 23.84 14.47 -10.30
N GLY B 100 24.09 14.76 -9.04
CA GLY B 100 25.23 14.16 -8.34
C GLY B 100 25.17 12.64 -8.25
N LYS B 101 23.97 12.09 -8.08
CA LYS B 101 23.83 10.63 -8.01
C LYS B 101 24.08 10.03 -9.38
N VAL B 102 23.59 10.68 -10.42
CA VAL B 102 23.84 10.18 -11.75
C VAL B 102 25.34 10.27 -12.05
N GLN B 103 25.97 11.34 -11.53
CA GLN B 103 27.43 11.49 -11.65
C GLN B 103 28.18 10.31 -11.06
N GLU B 104 27.76 9.81 -9.90
CA GLU B 104 28.39 8.62 -9.34
C GLU B 104 28.29 7.39 -10.27
N VAL B 105 27.18 7.30 -11.00
CA VAL B 105 26.98 6.17 -11.88
C VAL B 105 27.77 6.43 -13.14
N LEU B 106 27.78 7.67 -13.63
CA LEU B 106 28.70 8.01 -14.74
C LEU B 106 30.14 7.53 -14.47
N LYS B 107 30.66 7.83 -13.28
CA LYS B 107 32.03 7.48 -12.91
C LYS B 107 32.27 6.01 -12.58
N GLU B 108 31.30 5.12 -12.76
CA GLU B 108 31.59 3.69 -12.64
C GLU B 108 30.67 2.84 -13.47
N PRO B 109 30.79 2.97 -14.82
CA PRO B 109 29.88 2.33 -15.78
C PRO B 109 29.78 0.78 -15.78
N ASP B 110 30.65 0.08 -15.07
CA ASP B 110 30.51 -1.36 -14.99
C ASP B 110 29.32 -1.72 -14.08
N GLY B 111 28.21 -2.14 -14.68
CA GLY B 111 27.03 -2.58 -13.94
C GLY B 111 26.08 -1.43 -13.58
N GLY B 112 26.21 -0.30 -14.29
CA GLY B 112 25.44 0.86 -13.99
C GLY B 112 24.42 1.05 -15.07
N LEU B 113 23.32 1.72 -14.74
CA LEU B 113 22.22 1.97 -15.70
C LEU B 113 21.36 3.13 -15.26
N VAL B 114 20.88 3.93 -16.20
CA VAL B 114 19.93 4.97 -15.86
C VAL B 114 18.66 4.74 -16.68
N VAL B 115 17.54 4.54 -16.02
CA VAL B 115 16.30 4.12 -16.69
C VAL B 115 15.34 5.26 -16.59
N LEU B 116 14.80 5.68 -17.71
CA LEU B 116 13.80 6.72 -17.73
C LEU B 116 12.51 5.99 -18.08
N SER B 117 11.44 6.09 -17.27
CA SER B 117 10.21 5.29 -17.47
C SER B 117 8.92 6.10 -17.37
N GLY B 118 7.94 5.80 -18.21
CA GLY B 118 6.57 6.21 -17.95
C GLY B 118 5.56 5.69 -18.91
N GLY B 119 4.30 6.08 -18.70
CA GLY B 119 3.21 5.79 -19.62
C GLY B 119 2.91 6.94 -20.56
N GLY B 120 2.42 6.61 -21.77
CA GLY B 120 1.92 7.54 -22.70
C GLY B 120 3.00 8.59 -22.94
N THR B 121 2.65 9.86 -22.90
CA THR B 121 3.59 10.89 -23.30
C THR B 121 4.74 10.95 -22.36
N SER B 122 4.52 10.54 -21.13
CA SER B 122 5.66 10.38 -20.27
C SER B 122 6.69 9.36 -20.77
N GLY B 123 6.23 8.25 -21.36
CA GLY B 123 7.13 7.23 -21.92
C GLY B 123 7.73 7.75 -23.21
N ARG B 124 6.93 8.45 -24.01
CA ARG B 124 7.43 9.07 -25.18
C ARG B 124 8.57 10.09 -24.87
N MET B 125 8.44 10.96 -23.88
CA MET B 125 9.54 11.86 -23.50
C MET B 125 10.74 11.07 -23.03
N ALA B 126 10.49 10.03 -22.28
CA ALA B 126 11.58 9.17 -21.84
C ALA B 126 12.40 8.61 -23.01
N PHE B 127 11.69 8.27 -24.06
CA PHE B 127 12.31 7.57 -25.19
C PHE B 127 13.33 8.57 -25.78
N LEU B 128 12.87 9.78 -26.12
CA LEU B 128 13.76 10.81 -26.71
C LEU B 128 14.98 11.08 -25.86
N MET B 129 14.75 11.32 -24.58
CA MET B 129 15.82 11.74 -23.75
C MET B 129 16.88 10.64 -23.66
N SER B 130 16.45 9.38 -23.58
CA SER B 130 17.43 8.27 -23.52
C SER B 130 18.27 8.19 -24.82
N VAL B 131 17.65 8.52 -25.95
CA VAL B 131 18.33 8.54 -27.24
C VAL B 131 19.36 9.65 -27.17
N SER B 132 18.93 10.85 -26.77
CA SER B 132 19.80 12.03 -26.77
C SER B 132 20.99 11.84 -25.90
N PHE B 133 20.83 11.30 -24.69
CA PHE B 133 21.99 11.12 -23.81
C PHE B 133 22.83 9.93 -24.13
N ASN B 134 22.23 8.93 -24.77
CA ASN B 134 23.09 7.88 -25.25
C ASN B 134 23.98 8.41 -26.40
N GLN B 135 23.50 9.35 -27.19
CA GLN B 135 24.35 9.90 -28.21
C GLN B 135 25.51 10.60 -27.53
N LEU B 136 25.19 11.55 -26.66
CA LEU B 136 26.17 12.24 -25.84
C LEU B 136 27.25 11.34 -25.33
N MET B 137 26.92 10.26 -24.64
CA MET B 137 28.00 9.44 -24.10
C MET B 137 28.85 8.73 -25.18
N LYS B 138 28.24 8.54 -26.35
CA LYS B 138 28.87 7.89 -27.48
C LYS B 138 29.95 8.83 -28.05
N GLY B 139 29.56 10.06 -28.32
CA GLY B 139 30.49 11.12 -28.68
C GLY B 139 31.48 11.52 -27.58
N LEU B 140 31.72 10.65 -26.60
CA LEU B 140 32.92 10.73 -25.76
C LEU B 140 33.59 9.38 -25.72
N GLY B 141 33.19 8.47 -26.61
CA GLY B 141 33.59 7.08 -26.50
C GLY B 141 33.44 6.49 -25.11
N GLN B 142 32.24 6.62 -24.54
CA GLN B 142 31.86 5.89 -23.30
C GLN B 142 30.69 4.94 -23.63
N LYS B 143 30.58 3.81 -22.95
CA LYS B 143 29.41 2.93 -23.18
C LYS B 143 28.12 3.62 -22.70
N PRO B 144 27.10 3.66 -23.57
CA PRO B 144 25.88 4.45 -23.30
C PRO B 144 25.14 3.74 -22.17
N LEU B 145 24.76 4.41 -21.09
CA LEU B 145 24.18 3.75 -19.90
C LEU B 145 22.69 3.99 -19.68
N TYR B 146 22.04 4.69 -20.59
CA TYR B 146 20.64 4.98 -20.48
C TYR B 146 19.74 4.01 -21.25
N THR B 147 18.52 3.82 -20.74
CA THR B 147 17.48 3.18 -21.53
C THR B 147 16.12 3.70 -21.09
N TYR B 148 15.08 3.33 -21.82
CA TYR B 148 13.76 3.84 -21.51
C TYR B 148 12.77 2.67 -21.34
N LEU B 149 11.70 2.89 -20.59
CA LEU B 149 10.62 1.93 -20.48
C LEU B 149 9.36 2.75 -20.65
N ILE B 150 8.43 2.17 -21.41
CA ILE B 150 7.13 2.74 -21.69
C ILE B 150 6.07 1.68 -21.53
N ALA B 151 4.94 2.08 -20.96
CA ALA B 151 3.90 1.12 -20.66
C ALA B 151 3.52 0.55 -22.00
N GLY B 152 3.53 -0.77 -22.06
CA GLY B 152 3.03 -1.54 -23.19
C GLY B 152 4.14 -1.99 -24.11
N GLY B 153 5.38 -1.64 -23.77
CA GLY B 153 6.56 -1.94 -24.58
C GLY B 153 6.75 -1.03 -25.78
N ASP B 154 7.80 -1.32 -26.53
CA ASP B 154 8.38 -0.37 -27.48
C ASP B 154 7.38 0.19 -28.43
N ARG B 155 6.50 -0.65 -28.93
CA ARG B 155 5.49 -0.14 -29.87
C ARG B 155 4.75 1.10 -29.33
N SER B 156 4.54 1.20 -28.02
CA SER B 156 3.77 2.34 -27.47
C SER B 156 4.38 3.69 -27.82
N VAL B 157 5.68 3.72 -28.14
CA VAL B 157 6.32 5.00 -28.42
C VAL B 157 5.58 5.79 -29.47
N VAL B 158 5.10 5.04 -30.46
CA VAL B 158 4.47 5.64 -31.64
C VAL B 158 3.00 5.27 -31.75
N ALA B 159 2.40 4.83 -30.66
CA ALA B 159 0.99 4.41 -30.74
C ALA B 159 0.12 5.01 -29.62
N SER B 160 -1.16 5.08 -29.89
CA SER B 160 -2.17 5.37 -28.88
C SER B 160 -2.59 4.11 -28.12
N ARG B 161 -2.11 3.92 -26.91
CA ARG B 161 -2.31 2.66 -26.14
C ARG B 161 -2.48 2.96 -24.65
N GLU B 162 -3.48 3.79 -24.42
CA GLU B 162 -3.82 4.40 -23.13
C GLU B 162 -4.11 3.33 -22.05
N GLY B 163 -4.44 2.09 -22.44
CA GLY B 163 -4.71 0.99 -21.47
C GLY B 163 -3.54 0.42 -20.67
N THR B 164 -2.34 0.52 -21.21
CA THR B 164 -1.21 -0.23 -20.67
C THR B 164 -0.65 0.29 -19.34
N GLU B 165 -1.00 1.52 -18.96
CA GLU B 165 -0.42 2.16 -17.76
C GLU B 165 -1.01 1.65 -16.40
N ASP B 166 -2.07 0.86 -16.49
CA ASP B 166 -2.88 0.53 -15.29
C ASP B 166 -2.36 -0.66 -14.52
N SER B 167 -1.28 -1.26 -14.99
CA SER B 167 -0.72 -2.46 -14.30
C SER B 167 0.62 -2.21 -13.63
N ALA B 168 0.69 -2.44 -12.32
CA ALA B 168 1.92 -2.26 -11.59
C ALA B 168 2.91 -3.38 -11.82
N LEU B 169 2.41 -4.60 -11.93
CA LEU B 169 3.30 -5.75 -12.15
C LEU B 169 4.00 -5.66 -13.50
N HIS B 170 3.30 -5.19 -14.51
CA HIS B 170 3.85 -4.98 -15.80
C HIS B 170 5.04 -4.00 -15.74
N GLY B 171 4.86 -2.94 -14.93
CA GLY B 171 5.92 -1.95 -14.71
C GLY B 171 7.10 -2.59 -14.01
N ILE B 172 6.82 -3.43 -13.02
CA ILE B 172 7.89 -4.13 -12.33
C ILE B 172 8.58 -5.14 -13.21
N GLU B 173 7.85 -5.86 -14.05
CA GLU B 173 8.48 -6.89 -14.87
C GLU B 173 9.45 -6.24 -15.87
N GLU B 174 9.03 -5.18 -16.54
CA GLU B 174 9.88 -4.49 -17.50
C GLU B 174 11.15 -3.96 -16.87
N LEU B 175 11.04 -3.44 -15.66
CA LEU B 175 12.21 -2.96 -14.94
C LEU B 175 13.18 -4.09 -14.57
N LYS B 176 12.66 -5.22 -14.07
CA LYS B 176 13.53 -6.37 -13.80
C LYS B 176 14.25 -6.88 -15.08
N LYS B 177 13.60 -6.83 -16.23
CA LYS B 177 14.28 -7.21 -17.48
C LYS B 177 15.54 -6.42 -17.65
N VAL B 178 15.33 -5.14 -17.78
CA VAL B 178 16.40 -4.26 -18.17
C VAL B 178 17.47 -4.16 -17.04
N ALA B 179 17.09 -4.42 -15.80
CA ALA B 179 18.04 -4.28 -14.71
C ALA B 179 18.72 -5.56 -14.27
N ALA B 180 18.45 -6.65 -14.98
CA ALA B 180 18.99 -7.96 -14.66
C ALA B 180 20.53 -7.92 -14.58
N GLY B 181 21.06 -8.34 -13.44
CA GLY B 181 22.52 -8.36 -13.28
C GLY B 181 23.28 -7.04 -13.25
N LYS B 182 22.62 -5.88 -13.35
CA LYS B 182 23.30 -4.58 -13.16
C LYS B 182 23.52 -4.42 -11.69
N LYS B 183 24.50 -3.59 -11.32
CA LYS B 183 24.84 -3.44 -9.90
C LYS B 183 24.32 -2.15 -9.28
N ARG B 184 24.24 -1.06 -10.06
CA ARG B 184 23.68 0.23 -9.63
C ARG B 184 22.76 0.77 -10.71
N VAL B 185 21.48 0.96 -10.37
CA VAL B 185 20.47 1.45 -11.31
C VAL B 185 19.65 2.67 -10.82
N ILE B 186 19.60 3.71 -11.63
CA ILE B 186 18.83 4.87 -11.28
C ILE B 186 17.59 4.79 -12.10
N VAL B 187 16.44 4.88 -11.42
CA VAL B 187 15.17 4.74 -12.11
C VAL B 187 14.42 6.01 -12.01
N ILE B 188 14.26 6.68 -13.11
CA ILE B 188 13.53 7.88 -13.12
C ILE B 188 12.13 7.58 -13.60
N GLY B 189 11.22 7.49 -12.65
CA GLY B 189 9.84 7.23 -12.96
C GLY B 189 9.10 8.51 -13.12
N ILE B 190 8.54 8.67 -14.28
CA ILE B 190 7.89 9.92 -14.69
C ILE B 190 6.37 9.73 -14.82
N SER B 191 5.60 10.48 -14.03
CA SER B 191 4.15 10.46 -14.08
C SER B 191 3.69 11.84 -13.71
N VAL B 192 3.21 12.56 -14.70
CA VAL B 192 2.81 13.93 -14.53
C VAL B 192 1.83 14.07 -13.37
N GLY B 193 0.82 13.23 -13.36
CA GLY B 193 -0.15 13.32 -12.30
C GLY B 193 0.21 12.65 -10.99
N LEU B 194 1.39 12.06 -10.88
CA LEU B 194 1.71 11.12 -9.79
C LEU B 194 0.54 10.14 -9.75
N SER B 195 0.33 9.51 -10.91
CA SER B 195 -0.86 8.81 -11.19
C SER B 195 -0.69 7.36 -11.68
N ALA B 196 0.36 7.05 -12.45
CA ALA B 196 0.39 5.80 -13.24
C ALA B 196 0.77 4.60 -12.40
N PRO B 197 -0.10 3.57 -12.33
CA PRO B 197 0.28 2.35 -11.59
C PRO B 197 1.59 1.76 -12.07
N PHE B 198 1.87 1.84 -13.37
CA PHE B 198 3.12 1.34 -14.00
C PHE B 198 4.35 1.90 -13.29
N VAL B 199 4.31 3.19 -12.98
CA VAL B 199 5.43 3.83 -12.34
C VAL B 199 5.43 3.56 -10.88
N ALA B 200 4.25 3.55 -10.28
CA ALA B 200 4.16 3.22 -8.87
C ALA B 200 4.82 1.91 -8.52
N GLY B 201 4.57 0.92 -9.36
CA GLY B 201 5.23 -0.39 -9.18
C GLY B 201 6.73 -0.29 -9.20
N GLN B 202 7.26 0.43 -10.20
CA GLN B 202 8.69 0.53 -10.30
C GLN B 202 9.28 1.19 -9.06
N MET B 203 8.74 2.36 -8.68
CA MET B 203 9.29 3.05 -7.49
C MET B 203 9.22 2.15 -6.26
N ASP B 204 8.11 1.41 -6.08
CA ASP B 204 8.02 0.52 -4.91
C ASP B 204 9.11 -0.57 -4.89
N CYS B 205 9.38 -1.15 -6.05
CA CYS B 205 10.37 -2.22 -6.19
C CYS B 205 11.76 -1.66 -5.86
N CYS B 206 12.04 -0.45 -6.33
CA CYS B 206 13.31 0.18 -6.00
C CYS B 206 13.45 0.37 -4.49
N MET B 207 12.41 0.85 -3.82
CA MET B 207 12.51 1.08 -2.36
C MET B 207 12.78 -0.21 -1.61
N ASN B 208 12.30 -1.32 -2.16
CA ASN B 208 12.55 -2.61 -1.53
C ASN B 208 13.95 -3.15 -1.76
N ASN B 209 14.76 -2.58 -2.65
CA ASN B 209 16.16 -3.06 -2.80
C ASN B 209 17.14 -1.89 -3.11
N THR B 210 17.40 -1.06 -2.10
CA THR B 210 18.18 0.16 -2.28
C THR B 210 19.69 -0.10 -2.37
N ALA B 211 20.10 -1.34 -2.21
CA ALA B 211 21.49 -1.70 -2.51
C ALA B 211 21.75 -1.52 -4.01
N VAL B 212 20.78 -1.82 -4.86
CA VAL B 212 20.96 -1.69 -6.32
C VAL B 212 20.28 -0.42 -6.87
N PHE B 213 19.07 -0.15 -6.39
CA PHE B 213 18.20 0.88 -7.02
C PHE B 213 18.15 2.20 -6.28
N LEU B 214 18.10 3.25 -7.07
CA LEU B 214 17.79 4.60 -6.63
C LEU B 214 16.63 5.18 -7.48
N PRO B 215 15.47 5.27 -6.85
CA PRO B 215 14.30 5.80 -7.52
C PRO B 215 14.17 7.30 -7.42
N VAL B 216 13.80 7.91 -8.53
CA VAL B 216 13.54 9.30 -8.64
C VAL B 216 12.23 9.50 -9.35
N LEU B 217 11.29 10.10 -8.64
CA LEU B 217 9.93 10.25 -9.10
C LEU B 217 9.77 11.65 -9.63
N VAL B 218 9.16 11.78 -10.80
CA VAL B 218 9.01 13.04 -11.40
C VAL B 218 7.57 13.25 -11.89
N GLY B 219 6.95 14.31 -11.39
CA GLY B 219 5.67 14.74 -11.86
C GLY B 219 5.41 16.16 -11.38
N PHE B 220 4.15 16.59 -11.42
CA PHE B 220 3.81 18.02 -11.34
C PHE B 220 2.66 18.33 -10.37
N ASN B 221 2.53 17.48 -9.35
CA ASN B 221 1.51 17.64 -8.32
C ASN B 221 2.22 17.49 -7.01
N PRO B 222 1.78 18.21 -5.96
CA PRO B 222 2.36 17.92 -4.62
C PRO B 222 2.04 16.45 -4.25
N VAL B 223 2.86 15.86 -3.42
CA VAL B 223 2.59 14.52 -2.98
C VAL B 223 1.22 14.42 -2.31
N SER B 224 0.77 15.51 -1.69
CA SER B 224 -0.53 15.50 -1.02
C SER B 224 -1.69 15.39 -2.01
N MET B 225 -1.41 15.64 -3.28
CA MET B 225 -2.39 15.38 -4.35
C MET B 225 -2.10 14.16 -5.22
N ALA B 226 -1.05 13.39 -4.93
CA ALA B 226 -0.87 12.14 -5.68
C ALA B 226 -2.13 11.30 -5.57
N ARG B 227 -2.25 10.37 -6.49
CA ARG B 227 -3.38 9.56 -6.65
C ARG B 227 -3.46 8.52 -5.56
N ASN B 228 -4.64 8.38 -4.97
CA ASN B 228 -4.79 7.57 -3.77
C ASN B 228 -5.91 6.60 -4.03
N ASP B 229 -5.78 5.92 -5.16
CA ASP B 229 -6.75 5.07 -5.80
C ASP B 229 -6.23 3.67 -5.63
N PRO B 230 -7.10 2.69 -5.24
CA PRO B 230 -6.59 1.30 -5.20
C PRO B 230 -6.10 0.82 -6.59
N ILE B 231 -4.96 0.18 -6.66
CA ILE B 231 -4.46 -0.33 -7.90
C ILE B 231 -4.69 -1.80 -7.95
N GLU B 232 -5.03 -2.30 -9.11
CA GLU B 232 -5.73 -3.57 -9.13
C GLU B 232 -4.86 -4.74 -8.80
N ASP B 233 -3.62 -4.75 -9.27
CA ASP B 233 -2.71 -5.84 -8.91
C ASP B 233 -1.74 -5.46 -7.79
N TRP B 234 -2.10 -4.57 -6.87
CA TRP B 234 -1.06 -4.04 -5.96
C TRP B 234 -1.67 -3.42 -4.69
N SER B 235 -0.96 -3.51 -3.58
CA SER B 235 -1.59 -3.22 -2.31
C SER B 235 -1.53 -1.79 -1.85
N SER B 236 -0.57 -1.00 -2.37
CA SER B 236 -0.51 0.43 -2.04
C SER B 236 -0.83 1.32 -3.23
N THR B 237 -0.96 2.62 -2.94
CA THR B 237 -1.45 3.58 -3.89
C THR B 237 -0.27 4.48 -4.26
N PHE B 238 -0.43 5.22 -5.36
CA PHE B 238 0.64 6.10 -5.78
C PHE B 238 1.03 7.04 -4.63
N ARG B 239 0.04 7.62 -3.96
CA ARG B 239 0.25 8.49 -2.75
C ARG B 239 1.17 7.93 -1.66
N GLN B 240 1.02 6.64 -1.37
CA GLN B 240 1.80 6.03 -0.31
C GLN B 240 3.17 5.86 -0.81
N VAL B 241 3.28 5.55 -2.08
CA VAL B 241 4.59 5.23 -2.60
C VAL B 241 5.36 6.53 -2.62
N ALA B 242 4.70 7.57 -3.06
CA ALA B 242 5.36 8.86 -3.14
C ALA B 242 5.75 9.40 -1.75
N GLU B 243 4.86 9.25 -0.77
CA GLU B 243 5.19 9.63 0.64
C GLU B 243 6.40 8.84 1.23
N ARG B 244 6.49 7.55 0.98
CA ARG B 244 7.63 6.78 1.44
C ARG B 244 8.96 7.20 0.75
N MET B 245 8.87 7.62 -0.52
CA MET B 245 10.04 8.16 -1.20
C MET B 245 10.42 9.49 -0.59
N GLN B 246 9.44 10.33 -0.34
CA GLN B 246 9.73 11.59 0.32
C GLN B 246 10.44 11.38 1.67
N LYS B 247 10.06 10.40 2.49
CA LYS B 247 10.81 10.08 3.74
C LYS B 247 12.27 9.77 3.44
N MET B 248 12.49 8.88 2.48
CA MET B 248 13.82 8.47 2.12
C MET B 248 14.72 9.58 1.56
N GLN B 249 14.16 10.68 1.13
CA GLN B 249 14.95 11.67 0.50
C GLN B 249 15.91 12.32 1.48
N GLU B 250 15.49 12.47 2.73
CA GLU B 250 16.34 12.99 3.85
C GLU B 250 17.67 12.29 3.92
N LYS B 251 17.68 11.01 3.57
CA LYS B 251 18.89 10.20 3.48
C LYS B 251 19.39 10.04 2.03
N GLN B 252 18.79 10.76 1.09
CA GLN B 252 19.18 10.65 -0.31
C GLN B 252 19.12 9.21 -0.88
N LYS B 253 18.20 8.38 -0.39
CA LYS B 253 17.99 7.04 -0.93
C LYS B 253 16.80 7.02 -1.87
N ALA B 254 16.02 8.10 -1.90
CA ALA B 254 15.02 8.29 -2.97
C ALA B 254 14.86 9.77 -3.18
N PHE B 255 14.25 10.17 -4.29
CA PHE B 255 14.01 11.59 -4.51
C PHE B 255 12.68 11.82 -5.17
N VAL B 256 12.00 12.89 -4.75
CA VAL B 256 10.76 13.27 -5.36
C VAL B 256 10.90 14.67 -5.91
N LEU B 257 10.76 14.78 -7.22
CA LEU B 257 11.01 15.98 -7.97
C LEU B 257 9.74 16.41 -8.69
N ASN B 258 9.06 17.34 -8.03
CA ASN B 258 7.69 17.62 -8.32
C ASN B 258 7.27 19.09 -8.22
N PRO B 259 7.68 19.89 -9.19
CA PRO B 259 7.24 21.28 -9.17
C PRO B 259 5.81 21.43 -9.71
N ALA B 260 5.05 22.36 -9.15
CA ALA B 260 3.79 22.77 -9.73
C ALA B 260 4.13 23.67 -10.94
N ILE B 261 3.39 23.47 -12.01
CA ILE B 261 3.53 24.24 -13.24
C ILE B 261 2.23 24.84 -13.70
N GLY B 262 1.19 24.69 -12.87
CA GLY B 262 -0.14 25.24 -13.16
C GLY B 262 -0.94 24.27 -13.99
N PRO B 263 -2.28 24.41 -13.99
CA PRO B 263 -3.12 23.46 -14.73
C PRO B 263 -2.88 23.53 -16.20
N GLU B 264 -3.30 22.50 -16.93
CA GLU B 264 -3.17 22.46 -18.38
C GLU B 264 -4.17 23.40 -18.99
N GLY B 265 -3.83 23.96 -20.15
CA GLY B 265 -4.76 24.77 -20.94
C GLY B 265 -6.02 24.02 -21.30
N LEU B 266 -5.84 22.76 -21.65
CA LEU B 266 -6.96 21.82 -21.79
C LEU B 266 -6.87 20.86 -20.60
N SER B 267 -7.92 20.86 -19.80
CA SER B 267 -7.93 20.24 -18.50
C SER B 267 -7.46 18.81 -18.51
N GLY B 268 -6.40 18.52 -17.78
CA GLY B 268 -5.85 17.20 -17.75
C GLY B 268 -5.14 16.69 -18.99
N SER B 269 -4.96 17.50 -20.02
CA SER B 269 -4.19 17.04 -21.18
C SER B 269 -2.69 17.13 -20.84
N SER B 270 -2.19 16.13 -20.12
CA SER B 270 -0.88 16.18 -19.54
C SER B 270 0.24 16.01 -20.58
N ARG B 271 -0.09 15.64 -21.82
CA ARG B 271 0.87 15.64 -22.94
C ARG B 271 1.50 17.02 -23.18
N MET B 272 0.85 18.08 -22.76
CA MET B 272 1.21 19.42 -23.14
C MET B 272 2.21 19.97 -22.17
N LYS B 273 1.80 20.83 -21.23
CA LYS B 273 2.85 21.38 -20.30
C LYS B 273 3.57 20.29 -19.57
N GLY B 274 2.85 19.25 -19.18
CA GLY B 274 3.52 18.20 -18.40
C GLY B 274 4.64 17.51 -19.13
N GLY B 275 4.40 17.25 -20.39
CA GLY B 275 5.46 16.64 -21.13
C GLY B 275 6.59 17.66 -21.42
N SER B 276 6.24 18.87 -21.82
CA SER B 276 7.28 19.91 -21.98
C SER B 276 8.10 20.08 -20.72
N ALA B 277 7.41 20.27 -19.61
CA ALA B 277 8.12 20.40 -18.34
C ALA B 277 8.95 19.19 -18.02
N THR B 278 8.52 17.98 -18.45
CA THR B 278 9.36 16.80 -18.26
C THR B 278 10.69 16.94 -19.04
N LYS B 279 10.65 17.36 -20.30
CA LYS B 279 11.91 17.54 -21.07
C LYS B 279 12.74 18.57 -20.36
N ILE B 280 12.14 19.71 -20.11
CA ILE B 280 12.84 20.81 -19.49
C ILE B 280 13.61 20.37 -18.25
N LEU B 281 12.87 19.77 -17.34
CA LEU B 281 13.43 19.33 -16.06
C LEU B 281 14.54 18.31 -16.21
N LEU B 282 14.30 17.29 -17.02
CA LEU B 282 15.26 16.18 -17.06
C LEU B 282 16.42 16.42 -18.06
N GLU B 283 16.16 17.06 -19.17
CA GLU B 283 17.26 17.47 -20.09
C GLU B 283 18.26 18.40 -19.35
N THR B 284 17.76 19.44 -18.68
CA THR B 284 18.57 20.23 -17.73
C THR B 284 19.39 19.40 -16.73
N LEU B 285 18.71 18.55 -16.00
CA LEU B 285 19.38 17.84 -14.94
C LEU B 285 20.51 16.95 -15.44
N LEU B 286 20.24 16.25 -16.54
CA LEU B 286 21.18 15.24 -17.01
C LEU B 286 22.32 15.88 -17.82
N LEU B 287 22.00 16.89 -18.60
CA LEU B 287 23.00 17.66 -19.29
C LEU B 287 23.98 18.21 -18.24
N ALA B 288 23.46 18.88 -17.20
CA ALA B 288 24.31 19.33 -16.11
C ALA B 288 25.16 18.23 -15.49
N ALA B 289 24.58 17.05 -15.28
CA ALA B 289 25.37 15.97 -14.69
C ALA B 289 26.58 15.64 -15.59
N HIS B 290 26.37 15.68 -16.90
CA HIS B 290 27.44 15.33 -17.83
C HIS B 290 28.48 16.45 -17.88
N LYS B 291 28.02 17.65 -18.24
CA LYS B 291 28.87 18.85 -18.31
C LYS B 291 29.76 19.10 -17.09
N THR B 292 29.33 18.72 -15.90
CA THR B 292 30.02 19.13 -14.69
C THR B 292 30.60 18.02 -13.87
N VAL B 293 30.80 16.83 -14.43
CA VAL B 293 31.47 15.80 -13.63
C VAL B 293 32.77 16.39 -13.06
N ASP B 294 33.01 16.06 -11.79
CA ASP B 294 34.21 16.44 -11.01
C ASP B 294 34.55 17.94 -10.96
N GLN B 295 33.54 18.79 -11.04
CA GLN B 295 33.73 20.21 -10.90
C GLN B 295 33.08 20.76 -9.62
N GLY B 296 32.57 19.88 -8.76
CA GLY B 296 31.93 20.35 -7.53
C GLY B 296 30.54 20.92 -7.74
N ILE B 297 29.84 21.00 -6.62
CA ILE B 297 28.43 21.26 -6.60
C ILE B 297 28.11 22.68 -7.10
N ALA B 298 28.97 23.62 -6.78
CA ALA B 298 28.85 25.00 -7.24
C ALA B 298 28.63 25.12 -8.76
N ALA B 299 29.51 24.48 -9.50
CA ALA B 299 29.44 24.40 -10.99
C ALA B 299 28.09 23.80 -11.53
N SER B 300 27.67 22.71 -10.91
CA SER B 300 26.40 22.06 -11.19
C SER B 300 25.21 23.02 -11.06
N GLN B 301 25.09 23.66 -9.91
CA GLN B 301 23.96 24.61 -9.70
C GLN B 301 23.96 25.67 -10.75
N ARG B 302 25.14 26.19 -11.08
CA ARG B 302 25.21 27.28 -12.03
C ARG B 302 24.70 26.79 -13.37
N CYS B 303 25.26 25.67 -13.78
CA CYS B 303 24.87 25.04 -15.03
C CYS B 303 23.35 24.77 -15.14
N LEU B 304 22.79 24.16 -14.09
CA LEU B 304 21.33 23.94 -14.06
C LEU B 304 20.60 25.20 -14.34
N LEU B 305 21.01 26.24 -13.61
CA LEU B 305 20.30 27.50 -13.77
C LEU B 305 20.46 28.07 -15.18
N GLU B 306 21.65 27.95 -15.75
CA GLU B 306 21.88 28.41 -17.13
C GLU B 306 20.90 27.73 -18.11
N ILE B 307 20.91 26.41 -18.09
CA ILE B 307 20.02 25.63 -18.95
C ILE B 307 18.53 25.96 -18.75
N LEU B 308 18.05 26.09 -17.52
CA LEU B 308 16.63 26.47 -17.35
C LEU B 308 16.23 27.81 -18.03
N ARG B 309 17.10 28.81 -17.90
CA ARG B 309 16.80 30.14 -18.47
C ARG B 309 16.78 30.15 -20.00
N THR B 310 17.68 29.36 -20.55
CA THR B 310 17.69 29.02 -21.97
C THR B 310 16.33 28.40 -22.38
N PHE B 311 15.90 27.36 -21.67
CA PHE B 311 14.58 26.80 -22.00
C PHE B 311 13.53 27.86 -21.88
N GLU B 312 13.66 28.70 -20.86
CA GLU B 312 12.67 29.78 -20.75
C GLU B 312 12.72 30.80 -21.94
N ARG B 313 13.92 31.11 -22.43
CA ARG B 313 14.03 31.98 -23.67
C ARG B 313 13.32 31.32 -24.85
N ALA B 314 13.59 30.02 -24.95
CA ALA B 314 12.91 29.18 -25.99
C ALA B 314 11.42 29.34 -25.99
N HIS B 315 10.80 29.49 -24.83
CA HIS B 315 9.38 29.83 -24.85
C HIS B 315 9.08 31.17 -25.53
N GLN B 316 9.78 32.24 -25.17
CA GLN B 316 9.39 33.54 -25.77
C GLN B 316 9.82 33.60 -27.25
N VAL B 317 10.98 33.06 -27.53
CA VAL B 317 11.34 32.87 -28.94
C VAL B 317 10.18 32.21 -29.68
N THR B 318 9.73 31.06 -29.18
CA THR B 318 8.79 30.23 -29.94
C THR B 318 7.52 30.99 -30.16
N TYR B 319 7.00 31.56 -29.08
CA TYR B 319 5.73 32.26 -29.16
C TYR B 319 5.80 33.70 -29.69
N SER B 320 7.00 34.15 -30.06
CA SER B 320 7.13 35.46 -30.72
C SER B 320 6.42 35.36 -32.05
N GLN B 321 6.25 34.12 -32.52
CA GLN B 321 5.60 33.81 -33.80
C GLN B 321 4.12 33.48 -33.71
N SER B 322 3.45 33.98 -32.68
CA SER B 322 2.03 33.73 -32.49
C SER B 322 1.09 34.10 -33.67
N PRO B 323 1.43 35.11 -34.48
CA PRO B 323 0.49 35.30 -35.58
C PRO B 323 0.66 34.19 -36.65
N LYS B 324 1.90 33.78 -36.91
CA LYS B 324 2.17 32.71 -37.90
C LYS B 324 1.78 31.31 -37.40
N ILE B 325 1.58 31.15 -36.08
CA ILE B 325 1.10 29.92 -35.49
C ILE B 325 -0.43 29.86 -35.63
N ALA B 326 -1.11 30.98 -35.46
CA ALA B 326 -2.56 30.92 -35.50
C ALA B 326 -3.10 30.68 -36.92
N THR B 327 -2.29 31.03 -37.92
CA THR B 327 -2.69 30.94 -39.33
C THR B 327 -2.64 29.48 -39.73
N LEU B 328 -1.59 28.79 -39.29
CA LEU B 328 -1.52 27.36 -39.44
C LEU B 328 -2.70 26.72 -38.69
N MET B 329 -2.91 27.13 -37.44
CA MET B 329 -3.99 26.55 -36.68
C MET B 329 -5.26 26.65 -37.50
N LYS B 330 -5.49 27.80 -38.12
CA LYS B 330 -6.70 27.98 -38.96
C LYS B 330 -6.73 27.06 -40.19
N SER B 331 -5.60 26.90 -40.86
CA SER B 331 -5.50 26.06 -42.07
C SER B 331 -5.77 24.62 -41.67
N VAL B 332 -5.01 24.14 -40.69
CA VAL B 332 -5.25 22.82 -40.09
C VAL B 332 -6.73 22.62 -39.71
N SER B 333 -7.32 23.56 -38.98
CA SER B 333 -8.70 23.40 -38.55
C SER B 333 -9.65 23.38 -39.72
N THR B 334 -9.26 24.05 -40.81
CA THR B 334 -10.09 24.11 -41.99
C THR B 334 -10.13 22.82 -42.79
N SER B 335 -9.00 22.14 -42.92
CA SER B 335 -8.98 20.82 -43.55
C SER B 335 -9.90 19.84 -42.84
N LEU B 336 -9.83 19.83 -41.51
CA LEU B 336 -10.62 18.87 -40.71
C LEU B 336 -12.10 19.20 -40.78
N GLU B 337 -12.40 20.48 -40.78
CA GLU B 337 -13.76 20.97 -40.99
C GLU B 337 -14.38 20.33 -42.22
N LYS B 338 -13.62 20.34 -43.31
CA LYS B 338 -14.13 19.85 -44.57
C LYS B 338 -13.84 18.37 -44.77
N LYS B 339 -13.67 17.64 -43.68
CA LYS B 339 -13.33 16.20 -43.70
C LYS B 339 -12.08 15.85 -44.47
N GLY B 340 -11.13 16.79 -44.59
CA GLY B 340 -9.83 16.52 -45.18
C GLY B 340 -8.82 16.09 -44.12
N HIS B 341 -7.54 16.07 -44.47
CA HIS B 341 -6.51 15.54 -43.60
C HIS B 341 -5.35 16.50 -43.48
N VAL B 342 -4.51 16.21 -42.49
CA VAL B 342 -3.32 16.97 -42.17
C VAL B 342 -2.12 16.04 -42.06
N TYR B 343 -1.06 16.47 -42.71
CA TYR B 343 0.16 15.64 -42.82
C TYR B 343 1.29 16.48 -42.18
N LEU B 344 2.08 15.91 -41.30
CA LEU B 344 3.10 16.63 -40.59
C LEU B 344 4.34 15.88 -40.92
N VAL B 345 5.10 16.49 -41.81
CA VAL B 345 6.12 15.77 -42.48
C VAL B 345 7.44 16.25 -41.97
N GLY B 346 8.31 15.33 -41.55
CA GLY B 346 9.44 15.81 -40.85
C GLY B 346 10.71 15.08 -40.77
N TRP B 347 11.73 15.88 -40.47
CA TRP B 347 13.08 15.36 -40.47
C TRP B 347 13.59 15.13 -39.10
N GLN B 348 14.35 14.06 -38.99
CA GLN B 348 14.98 13.65 -37.79
C GLN B 348 13.94 13.56 -36.65
N THR B 349 14.49 13.55 -35.46
CA THR B 349 13.79 13.75 -34.22
C THR B 349 12.59 14.65 -34.33
N LEU B 350 12.66 15.68 -35.13
CA LEU B 350 11.49 16.53 -35.24
C LEU B 350 10.33 15.83 -35.98
N GLY B 351 10.65 14.79 -36.75
CA GLY B 351 9.66 13.94 -37.31
C GLY B 351 9.06 12.95 -36.30
N ILE B 352 9.86 12.44 -35.39
CA ILE B 352 9.33 11.69 -34.25
C ILE B 352 8.30 12.53 -33.49
N ILE B 353 8.64 13.79 -33.24
CA ILE B 353 7.75 14.63 -32.47
C ILE B 353 6.46 14.80 -33.19
N ALA B 354 6.57 14.95 -34.51
CA ALA B 354 5.41 15.16 -35.36
C ALA B 354 4.50 13.90 -35.34
N ILE B 355 5.12 12.74 -35.45
CA ILE B 355 4.40 11.48 -35.32
C ILE B 355 3.69 11.39 -33.93
N MET B 356 4.37 11.80 -32.86
CA MET B 356 3.78 11.77 -31.52
C MET B 356 2.60 12.72 -31.41
N ASP B 357 2.69 13.90 -31.98
CA ASP B 357 1.58 14.80 -31.77
C ASP B 357 0.28 14.26 -32.44
N GLY B 358 0.42 13.70 -33.65
CA GLY B 358 -0.74 13.17 -34.38
C GLY B 358 -1.45 11.96 -33.73
N VAL B 359 -0.66 10.99 -33.36
CA VAL B 359 -1.08 9.85 -32.61
C VAL B 359 -1.88 10.29 -31.37
N GLU B 360 -1.32 11.23 -30.61
CA GLU B 360 -1.96 11.67 -29.39
C GLU B 360 -3.34 12.31 -29.64
N CYS B 361 -3.57 12.88 -30.83
CA CYS B 361 -4.88 13.48 -31.11
C CYS B 361 -6.02 12.42 -31.18
N ILE B 362 -5.62 11.18 -31.44
CA ILE B 362 -6.54 10.02 -31.53
C ILE B 362 -7.22 9.81 -30.19
N HIS B 363 -6.42 9.60 -29.14
CA HIS B 363 -7.08 9.44 -27.87
C HIS B 363 -7.46 10.80 -27.28
N THR B 364 -6.89 11.92 -27.74
CA THR B 364 -7.19 13.21 -27.06
C THR B 364 -8.49 13.83 -27.59
N PHE B 365 -8.73 13.79 -28.90
CA PHE B 365 -9.88 14.42 -29.48
C PHE B 365 -10.79 13.45 -30.20
N GLY B 366 -10.57 12.15 -30.06
CA GLY B 366 -11.38 11.17 -30.79
C GLY B 366 -11.08 11.14 -32.29
N ALA B 367 -9.90 11.62 -32.67
CA ALA B 367 -9.59 11.76 -34.10
C ALA B 367 -9.27 10.45 -34.72
N ASP B 368 -9.62 10.32 -35.99
CA ASP B 368 -9.06 9.22 -36.79
C ASP B 368 -7.53 9.39 -36.86
N PHE B 369 -6.81 8.29 -36.90
CA PHE B 369 -5.42 8.25 -37.22
C PHE B 369 -4.90 9.19 -38.35
N ARG B 370 -5.73 9.42 -39.37
CA ARG B 370 -5.27 10.10 -40.58
C ARG B 370 -5.56 11.55 -40.48
N ASP B 371 -6.37 11.92 -39.48
CA ASP B 371 -6.75 13.33 -39.26
C ASP B 371 -5.55 14.28 -39.04
N VAL B 372 -4.70 13.93 -38.10
CA VAL B 372 -3.48 14.63 -37.95
C VAL B 372 -2.41 13.61 -37.86
N ARG B 373 -1.61 13.53 -38.93
CA ARG B 373 -0.66 12.44 -39.04
C ARG B 373 0.76 12.89 -39.38
N GLY B 374 1.73 12.24 -38.75
CA GLY B 374 3.10 12.54 -38.95
C GLY B 374 3.88 11.48 -39.67
N PHE B 375 4.90 11.96 -40.34
CA PHE B 375 5.85 11.13 -41.06
C PHE B 375 7.23 11.61 -40.73
N LEU B 376 8.12 10.65 -40.58
CA LEU B 376 9.54 10.88 -40.55
C LEU B 376 10.15 10.54 -41.91
N ILE B 377 10.90 11.47 -42.48
CA ILE B 377 11.62 11.22 -43.74
C ILE B 377 13.12 10.94 -43.55
N GLY B 378 13.57 9.76 -43.99
CA GLY B 378 14.92 9.28 -43.73
C GLY B 378 14.95 8.42 -42.48
N GLN B 393 5.72 -0.98 -36.90
CA GLN B 393 4.85 -1.25 -35.76
C GLN B 393 3.48 -0.55 -35.93
N GLY B 394 2.54 -1.23 -36.61
CA GLY B 394 1.21 -0.67 -36.98
C GLY B 394 1.27 0.01 -38.34
N PRO B 395 0.52 1.14 -38.54
CA PRO B 395 0.71 1.86 -39.82
C PRO B 395 2.12 2.44 -39.94
N GLN B 396 2.58 2.59 -41.18
CA GLN B 396 3.92 3.06 -41.44
C GLN B 396 4.13 4.51 -41.04
N PHE B 397 5.28 4.77 -40.42
CA PHE B 397 5.67 6.14 -39.97
C PHE B 397 7.08 6.61 -40.49
N THR B 398 8.00 5.67 -40.73
CA THR B 398 9.26 6.03 -41.42
C THR B 398 9.14 5.83 -42.94
N PHE B 399 9.35 6.90 -43.71
CA PHE B 399 9.37 6.85 -45.16
C PHE B 399 10.66 7.45 -45.70
N SER B 400 11.37 6.71 -46.57
CA SER B 400 12.25 7.34 -47.59
C SER B 400 11.47 8.35 -48.43
N GLN B 401 12.19 9.27 -49.07
CA GLN B 401 11.60 10.19 -50.06
C GLN B 401 10.74 9.47 -51.11
N GLU B 402 11.30 8.42 -51.71
CA GLU B 402 10.69 7.82 -52.92
C GLU B 402 9.40 7.14 -52.44
N ASP B 403 9.53 6.38 -51.33
CA ASP B 403 8.39 5.72 -50.70
C ASP B 403 7.34 6.75 -50.32
N PHE B 404 7.75 7.81 -49.63
CA PHE B 404 6.77 8.85 -49.32
C PHE B 404 6.08 9.26 -50.61
N LEU B 405 6.85 9.50 -51.66
CA LEU B 405 6.26 10.03 -52.94
C LEU B 405 5.41 9.02 -53.71
N THR B 406 5.88 7.79 -53.79
CA THR B 406 5.11 6.70 -54.38
C THR B 406 3.83 6.49 -53.56
N SER B 407 4.01 6.18 -52.28
CA SER B 407 2.94 5.65 -51.44
C SER B 407 1.95 6.70 -50.90
N ILE B 408 2.41 7.92 -50.56
CA ILE B 408 1.53 8.92 -49.90
C ILE B 408 1.11 10.07 -50.77
N LEU B 409 1.96 10.48 -51.68
CA LEU B 409 1.62 11.64 -52.50
C LEU B 409 0.25 11.50 -53.19
N PRO B 410 -0.06 10.30 -53.76
CA PRO B 410 -1.32 10.07 -54.50
C PRO B 410 -2.61 10.32 -53.72
N SER B 411 -2.61 10.05 -52.41
CA SER B 411 -3.83 10.19 -51.62
C SER B 411 -4.22 11.64 -51.37
N LEU B 412 -3.33 12.59 -51.64
CA LEU B 412 -3.58 13.97 -51.23
C LEU B 412 -4.64 14.69 -52.05
N THR B 413 -5.39 15.54 -51.39
CA THR B 413 -6.46 16.33 -51.98
C THR B 413 -6.17 17.83 -51.81
N GLU B 414 -6.90 18.65 -52.53
CA GLU B 414 -6.74 20.12 -52.46
C GLU B 414 -7.21 20.77 -51.19
N ILE B 415 -7.77 19.99 -50.27
CA ILE B 415 -8.24 20.57 -49.01
C ILE B 415 -7.38 20.11 -47.86
N ASP B 416 -6.39 19.28 -48.16
CA ASP B 416 -5.43 18.85 -47.19
C ASP B 416 -4.46 19.96 -46.89
N THR B 417 -3.97 19.94 -45.64
CA THR B 417 -2.86 20.78 -45.20
C THR B 417 -1.69 19.86 -44.92
N VAL B 418 -0.52 20.24 -45.42
CA VAL B 418 0.75 19.57 -45.14
C VAL B 418 1.59 20.60 -44.42
N VAL B 419 2.36 20.18 -43.42
CA VAL B 419 3.33 21.03 -42.71
C VAL B 419 4.62 20.29 -42.72
N PHE B 420 5.69 20.97 -43.17
CA PHE B 420 7.06 20.44 -43.24
C PHE B 420 7.87 20.98 -42.08
N ILE B 421 8.67 20.12 -41.44
CA ILE B 421 9.30 20.51 -40.19
C ILE B 421 10.74 20.04 -40.23
N PHE B 422 11.64 21.01 -40.15
CA PHE B 422 13.03 20.77 -40.45
C PHE B 422 13.94 21.93 -40.00
N THR B 423 15.21 21.60 -39.82
CA THR B 423 16.28 22.56 -39.55
C THR B 423 17.06 22.84 -40.84
N LEU B 424 17.55 24.07 -40.98
CA LEU B 424 18.45 24.40 -42.12
C LEU B 424 19.75 23.56 -42.15
N ASP B 425 20.04 22.78 -41.10
CA ASP B 425 21.10 21.73 -41.17
C ASP B 425 20.70 20.41 -41.84
N ASP B 426 19.44 20.26 -42.26
CA ASP B 426 18.94 18.97 -42.80
C ASP B 426 19.22 18.84 -44.30
N ASN B 427 19.38 17.61 -44.80
CA ASN B 427 19.36 17.34 -46.27
C ASN B 427 18.26 18.19 -46.97
N LEU B 428 18.59 19.42 -47.38
CA LEU B 428 17.59 20.35 -47.91
C LEU B 428 17.20 20.03 -49.34
N THR B 429 17.97 19.17 -50.03
CA THR B 429 17.58 18.76 -51.38
C THR B 429 16.27 17.97 -51.25
N GLU B 430 16.38 16.83 -50.56
CA GLU B 430 15.26 16.03 -50.08
C GLU B 430 14.04 16.85 -49.76
N VAL B 431 14.23 17.95 -49.03
CA VAL B 431 13.09 18.75 -48.65
C VAL B 431 12.43 19.29 -49.88
N GLN B 432 13.11 20.22 -50.56
CA GLN B 432 12.55 20.85 -51.79
C GLN B 432 11.99 19.86 -52.78
N THR B 433 12.65 18.73 -53.02
CA THR B 433 12.08 17.69 -53.89
C THR B 433 10.60 17.48 -53.48
N ILE B 434 10.44 16.93 -52.28
CA ILE B 434 9.14 16.53 -51.76
C ILE B 434 8.16 17.69 -51.76
N VAL B 435 8.63 18.89 -51.46
CA VAL B 435 7.72 20.01 -51.32
C VAL B 435 7.10 20.35 -52.66
N GLU B 436 7.93 20.35 -53.70
CA GLU B 436 7.50 20.67 -55.07
C GLU B 436 6.32 19.80 -55.43
N GLN B 437 6.55 18.49 -55.35
CA GLN B 437 5.51 17.53 -55.76
C GLN B 437 4.20 17.65 -54.94
N VAL B 438 4.32 17.78 -53.60
CA VAL B 438 3.17 18.07 -52.75
C VAL B 438 2.43 19.32 -53.23
N LYS B 439 3.21 20.30 -53.65
CA LYS B 439 2.67 21.61 -54.03
C LYS B 439 1.62 21.42 -55.11
N GLU B 440 1.89 20.51 -56.03
CA GLU B 440 0.96 20.29 -57.15
C GLU B 440 -0.40 19.77 -56.66
N LYS B 441 -0.34 18.91 -55.66
CA LYS B 441 -1.52 18.30 -55.11
C LYS B 441 -2.34 19.24 -54.20
N THR B 442 -1.69 20.16 -53.49
CA THR B 442 -2.43 21.16 -52.68
C THR B 442 -1.69 22.50 -52.51
N ASN B 443 -2.46 23.57 -52.36
CA ASN B 443 -1.90 24.84 -51.93
C ASN B 443 -1.55 24.96 -50.42
N HIS B 444 -2.35 24.35 -49.55
CA HIS B 444 -2.20 24.54 -48.09
C HIS B 444 -0.98 23.83 -47.56
N ILE B 445 0.17 24.45 -47.75
CA ILE B 445 1.41 23.99 -47.18
C ILE B 445 1.92 25.15 -46.35
N GLN B 446 2.69 24.82 -45.31
CA GLN B 446 3.27 25.82 -44.40
C GLN B 446 4.54 25.10 -43.90
N ALA B 447 5.46 25.81 -43.30
CA ALA B 447 6.69 25.12 -42.87
C ALA B 447 7.17 25.70 -41.58
N LEU B 448 7.96 24.92 -40.86
CA LEU B 448 8.37 25.31 -39.53
C LEU B 448 9.82 24.99 -39.53
N ALA B 449 10.64 26.03 -39.61
CA ALA B 449 12.07 25.83 -39.92
C ALA B 449 12.94 26.52 -38.89
N HIS B 450 13.97 25.79 -38.43
CA HIS B 450 14.82 26.20 -37.36
C HIS B 450 16.18 26.52 -37.96
N SER B 451 16.74 27.68 -37.64
CA SER B 451 18.09 28.03 -38.08
C SER B 451 18.91 28.58 -36.91
N THR B 452 20.24 28.51 -37.01
CA THR B 452 21.13 29.40 -36.25
C THR B 452 21.21 30.75 -36.98
N VAL B 453 21.19 31.84 -36.23
CA VAL B 453 21.12 33.21 -36.83
C VAL B 453 22.27 33.41 -37.85
N GLY B 454 21.94 34.08 -38.95
CA GLY B 454 22.79 34.05 -40.16
C GLY B 454 23.05 32.65 -40.74
N GLN B 455 21.99 31.88 -40.92
CA GLN B 455 21.99 30.75 -41.84
C GLN B 455 20.95 31.22 -42.84
N THR B 456 21.03 30.83 -44.10
CA THR B 456 20.05 31.35 -45.07
C THR B 456 19.19 30.26 -45.72
N LEU B 457 17.94 30.59 -45.97
CA LEU B 457 17.02 29.64 -46.60
C LEU B 457 17.18 29.59 -48.13
N PRO B 458 17.80 28.51 -48.70
CA PRO B 458 18.00 28.39 -50.15
C PRO B 458 16.81 28.84 -50.96
N ILE B 459 17.08 29.54 -52.08
CA ILE B 459 16.04 30.28 -52.85
C ILE B 459 14.96 29.42 -53.58
N PRO B 460 15.33 28.24 -54.15
CA PRO B 460 14.28 27.37 -54.70
C PRO B 460 13.33 26.85 -53.62
N LEU B 461 13.92 26.39 -52.52
CA LEU B 461 13.18 25.90 -51.34
C LEU B 461 12.43 27.05 -50.67
N LYS B 462 13.09 28.20 -50.56
CA LYS B 462 12.48 29.41 -50.02
C LYS B 462 11.24 29.79 -50.81
N LYS B 463 11.29 29.57 -52.13
CA LYS B 463 10.24 30.04 -53.05
C LYS B 463 8.87 29.51 -52.66
N LEU B 464 8.85 28.22 -52.39
CA LEU B 464 7.61 27.50 -52.20
C LEU B 464 6.88 27.87 -50.90
N PHE B 465 7.56 28.43 -49.88
CA PHE B 465 6.86 28.80 -48.62
C PHE B 465 6.66 30.29 -48.49
N PRO B 466 5.48 30.79 -48.89
CA PRO B 466 5.25 32.25 -48.86
C PRO B 466 5.06 32.86 -47.46
N SER B 467 5.01 32.06 -46.39
CA SER B 467 4.84 32.61 -45.03
C SER B 467 5.61 31.84 -43.96
N ILE B 468 6.70 31.20 -44.36
CA ILE B 468 7.42 30.26 -43.51
C ILE B 468 7.44 30.66 -42.02
N ILE B 469 7.26 29.67 -41.13
CA ILE B 469 7.43 29.89 -39.69
C ILE B 469 8.89 29.69 -39.42
N SER B 470 9.64 30.77 -39.50
CA SER B 470 11.06 30.68 -39.36
C SER B 470 11.33 30.93 -37.91
N ILE B 471 12.14 30.04 -37.35
CA ILE B 471 12.49 30.10 -35.96
C ILE B 471 13.99 30.18 -36.01
N THR B 472 14.49 31.33 -35.59
CA THR B 472 15.93 31.60 -35.65
C THR B 472 16.50 31.67 -34.24
N TRP B 473 17.50 30.84 -33.98
CA TRP B 473 18.16 30.71 -32.69
C TRP B 473 19.44 31.54 -32.68
N PRO B 474 19.60 32.46 -31.70
CA PRO B 474 20.89 33.07 -31.46
C PRO B 474 22.01 32.05 -31.34
N LEU B 475 23.25 32.47 -31.56
CA LEU B 475 24.45 31.64 -31.35
C LEU B 475 24.60 31.36 -29.88
N LEU B 476 25.32 30.31 -29.53
CA LEU B 476 25.39 29.84 -28.15
C LEU B 476 26.51 28.84 -27.95
N PHE B 477 27.41 29.13 -27.02
CA PHE B 477 28.48 28.19 -26.79
C PHE B 477 27.82 26.84 -26.52
N PHE B 478 28.48 25.77 -26.95
CA PHE B 478 28.09 24.44 -26.52
C PHE B 478 29.31 23.58 -26.26
N GLU B 479 29.12 22.58 -25.42
CA GLU B 479 30.22 21.74 -24.99
C GLU B 479 30.48 20.62 -25.98
N TYR B 480 29.46 19.85 -26.28
CA TYR B 480 29.66 18.62 -26.99
C TYR B 480 29.39 18.80 -28.46
N GLU B 481 29.94 17.88 -29.26
CA GLU B 481 29.84 17.98 -30.75
C GLU B 481 28.39 17.91 -31.26
N GLY B 482 27.58 17.02 -30.70
CA GLY B 482 26.20 16.90 -31.18
C GLY B 482 25.37 18.13 -30.86
N ASN B 483 25.91 19.02 -30.01
CA ASN B 483 25.21 20.26 -29.67
C ASN B 483 23.76 19.97 -29.15
N PHE B 484 23.73 19.30 -28.02
CA PHE B 484 22.52 18.76 -27.47
C PHE B 484 21.60 19.89 -26.99
N ILE B 485 22.19 20.97 -26.46
CA ILE B 485 21.41 22.09 -26.05
C ILE B 485 20.57 22.63 -27.22
N GLN B 486 21.11 22.61 -28.42
CA GLN B 486 20.38 23.13 -29.56
C GLN B 486 19.29 22.12 -29.96
N LYS B 487 19.59 20.84 -29.80
CA LYS B 487 18.63 19.78 -30.15
C LYS B 487 17.40 19.95 -29.24
N PHE B 488 17.69 20.06 -27.94
CA PHE B 488 16.64 20.28 -26.91
C PHE B 488 15.81 21.49 -27.13
N GLN B 489 16.39 22.62 -27.53
CA GLN B 489 15.53 23.81 -27.81
C GLN B 489 14.61 23.57 -28.98
N ARG B 490 15.14 22.92 -29.98
CA ARG B 490 14.36 22.71 -31.19
C ARG B 490 13.27 21.65 -30.94
N GLU B 491 13.60 20.62 -30.21
CA GLU B 491 12.58 19.59 -29.93
C GLU B 491 11.45 20.23 -29.16
N LEU B 492 11.80 21.06 -28.19
CA LEU B 492 10.75 21.66 -27.33
C LEU B 492 9.90 22.66 -28.06
N SER B 493 10.58 23.47 -28.87
CA SER B 493 9.87 24.50 -29.64
C SER B 493 8.92 23.82 -30.62
N THR B 494 9.42 22.73 -31.19
CA THR B 494 8.54 22.00 -32.14
C THR B 494 7.28 21.43 -31.42
N LYS B 495 7.51 20.83 -30.27
CA LYS B 495 6.42 20.31 -29.46
C LYS B 495 5.40 21.35 -29.16
N TRP B 496 5.88 22.55 -28.79
CA TRP B 496 4.92 23.63 -28.41
C TRP B 496 4.04 24.04 -29.55
N VAL B 497 4.68 24.21 -30.72
CA VAL B 497 3.98 24.64 -31.92
C VAL B 497 2.92 23.63 -32.35
N LEU B 498 3.31 22.36 -32.40
CA LEU B 498 2.39 21.28 -32.82
C LEU B 498 1.29 21.09 -31.80
N ASN B 499 1.68 21.02 -30.51
CA ASN B 499 0.67 20.83 -29.46
C ASN B 499 -0.39 21.94 -29.58
N THR B 500 0.06 23.17 -29.74
CA THR B 500 -0.86 24.33 -29.75
C THR B 500 -1.75 24.28 -30.97
N VAL B 501 -1.19 23.82 -32.07
CA VAL B 501 -1.93 23.84 -33.35
C VAL B 501 -2.99 22.74 -33.40
N SER B 502 -2.58 21.50 -33.11
CA SER B 502 -3.53 20.37 -33.02
C SER B 502 -4.60 20.69 -32.02
N THR B 503 -4.21 21.17 -30.82
CA THR B 503 -5.22 21.40 -29.77
C THR B 503 -6.16 22.50 -30.19
N GLY B 504 -5.62 23.62 -30.60
CA GLY B 504 -6.47 24.72 -31.08
C GLY B 504 -7.31 24.39 -32.32
N ALA B 505 -6.72 23.67 -33.26
CA ALA B 505 -7.52 23.27 -34.44
C ALA B 505 -8.79 22.51 -34.00
N HIS B 506 -8.66 21.61 -33.01
CA HIS B 506 -9.83 20.84 -32.58
C HIS B 506 -10.81 21.70 -31.76
N VAL B 507 -10.30 22.67 -31.01
CA VAL B 507 -11.14 23.61 -30.29
C VAL B 507 -11.93 24.51 -31.25
N LEU B 508 -11.31 24.89 -32.36
CA LEU B 508 -12.03 25.78 -33.27
C LEU B 508 -13.21 25.00 -33.85
N LEU B 509 -13.02 23.69 -33.96
CA LEU B 509 -14.10 22.82 -34.38
C LEU B 509 -15.27 22.66 -33.42
N GLY B 510 -15.10 22.98 -32.16
CA GLY B 510 -16.23 22.94 -31.21
C GLY B 510 -16.27 21.63 -30.41
N LYS B 511 -15.14 20.95 -30.32
CA LYS B 511 -14.99 19.70 -29.61
C LYS B 511 -14.69 19.77 -28.11
N ILE B 512 -14.31 20.95 -27.64
CA ILE B 512 -13.96 21.13 -26.23
C ILE B 512 -15.08 21.92 -25.64
N LEU B 513 -15.54 21.46 -24.48
CA LEU B 513 -16.57 22.10 -23.69
C LEU B 513 -15.93 22.99 -22.65
N GLN B 514 -16.03 24.31 -22.81
CA GLN B 514 -15.26 25.27 -22.00
C GLN B 514 -13.74 25.06 -22.17
N ASN B 515 -13.11 24.31 -21.25
CA ASN B 515 -11.72 23.87 -21.36
C ASN B 515 -11.61 22.39 -20.92
N HIS B 516 -12.67 21.63 -21.17
CA HIS B 516 -12.67 20.20 -20.84
C HIS B 516 -12.97 19.41 -22.07
N MET B 517 -12.35 18.25 -22.18
CA MET B 517 -12.71 17.30 -23.21
C MET B 517 -13.74 16.31 -22.64
N LEU B 518 -15.01 16.61 -22.84
CA LEU B 518 -16.08 15.80 -22.27
C LEU B 518 -16.18 14.46 -22.95
N ASP B 519 -16.11 14.47 -24.26
CA ASP B 519 -16.34 13.28 -25.04
C ASP B 519 -15.05 12.49 -25.31
N LEU B 520 -14.42 12.00 -24.24
CA LEU B 520 -13.24 11.17 -24.34
C LEU B 520 -13.61 9.72 -24.25
N ARG B 521 -12.71 8.90 -24.78
CA ARG B 521 -12.79 7.46 -24.66
C ARG B 521 -12.21 6.97 -23.36
N ILE B 522 -12.99 6.22 -22.60
CA ILE B 522 -12.52 5.73 -21.31
C ILE B 522 -11.66 4.49 -21.53
N SER B 523 -10.34 4.65 -21.53
CA SER B 523 -9.47 3.50 -21.78
C SER B 523 -8.50 3.15 -20.68
N ASN B 524 -8.59 3.84 -19.54
CA ASN B 524 -7.89 3.42 -18.34
C ASN B 524 -8.56 4.05 -17.11
N SER B 525 -8.11 3.68 -15.93
CA SER B 525 -8.85 4.08 -14.70
C SER B 525 -8.85 5.57 -14.49
N LYS B 526 -7.76 6.20 -14.84
CA LYS B 526 -7.66 7.65 -14.73
C LYS B 526 -8.74 8.34 -15.56
N LEU B 527 -8.93 7.86 -16.77
CA LEU B 527 -9.91 8.50 -17.66
C LEU B 527 -11.34 8.22 -17.16
N PHE B 528 -11.51 7.10 -16.49
CA PHE B 528 -12.81 6.79 -15.86
C PHE B 528 -13.10 7.79 -14.75
N TRP B 529 -12.16 7.98 -13.84
CA TRP B 529 -12.32 9.03 -12.83
C TRP B 529 -12.49 10.45 -13.34
N ARG B 530 -11.79 10.77 -14.43
CA ARG B 530 -11.98 12.09 -15.05
C ARG B 530 -13.44 12.22 -15.60
N ALA B 531 -13.96 11.15 -16.19
CA ALA B 531 -15.31 11.19 -16.72
C ALA B 531 -16.28 11.44 -15.58
N LEU B 532 -16.17 10.66 -14.52
CA LEU B 532 -17.04 10.86 -13.35
C LEU B 532 -16.91 12.28 -12.81
N ALA B 533 -15.69 12.73 -12.56
CA ALA B 533 -15.50 14.11 -12.09
C ALA B 533 -16.20 15.12 -12.97
N MET B 534 -16.15 14.89 -14.29
CA MET B 534 -16.76 15.84 -15.23
C MET B 534 -18.27 15.80 -15.16
N LEU B 535 -18.81 14.61 -14.98
CA LEU B 535 -20.26 14.45 -14.76
C LEU B 535 -20.70 15.23 -13.53
N GLN B 536 -19.95 15.13 -12.47
CA GLN B 536 -20.23 15.94 -11.29
C GLN B 536 -20.19 17.43 -11.56
N ARG B 537 -19.18 17.90 -12.28
CA ARG B 537 -19.00 19.34 -12.49
C ARG B 537 -20.06 19.94 -13.39
N PHE B 538 -20.44 19.18 -14.42
CA PHE B 538 -21.37 19.70 -15.41
C PHE B 538 -22.80 19.39 -15.06
N SER B 539 -23.07 18.22 -14.47
CA SER B 539 -24.41 17.90 -14.01
C SER B 539 -24.71 18.66 -12.73
N GLY B 540 -23.77 18.60 -11.79
CA GLY B 540 -23.87 19.31 -10.53
C GLY B 540 -24.59 18.43 -9.55
N GLN B 541 -24.81 17.18 -9.95
CA GLN B 541 -25.60 16.26 -9.18
C GLN B 541 -24.73 15.35 -8.34
N SER B 542 -25.35 14.70 -7.37
CA SER B 542 -24.60 13.87 -6.43
C SER B 542 -23.79 12.83 -7.17
N LYS B 543 -22.79 12.29 -6.49
CA LYS B 543 -21.93 11.32 -7.13
C LYS B 543 -22.64 10.02 -7.31
N ALA B 544 -23.50 9.67 -6.35
CA ALA B 544 -24.21 8.39 -6.47
C ALA B 544 -24.98 8.42 -7.77
N ARG B 545 -25.54 9.56 -8.08
CA ARG B 545 -26.28 9.70 -9.31
C ARG B 545 -25.39 9.69 -10.56
N CYS B 546 -24.36 10.53 -10.55
CA CYS B 546 -23.38 10.55 -11.62
C CYS B 546 -22.77 9.17 -11.91
N ILE B 547 -22.43 8.46 -10.86
CA ILE B 547 -21.85 7.15 -11.01
C ILE B 547 -22.80 6.26 -11.67
N GLU B 548 -24.08 6.40 -11.31
CA GLU B 548 -25.08 5.50 -11.84
C GLU B 548 -25.31 5.77 -13.30
N SER B 549 -25.43 7.03 -13.65
CA SER B 549 -25.57 7.34 -15.07
C SER B 549 -24.35 6.76 -15.85
N LEU B 550 -23.13 6.89 -15.31
CA LEU B 550 -21.90 6.46 -16.02
C LEU B 550 -21.80 4.99 -16.22
N LEU B 551 -22.14 4.21 -15.21
CA LEU B 551 -22.15 2.75 -15.39
C LEU B 551 -23.27 2.25 -16.29
N ARG B 552 -24.40 2.93 -16.28
CA ARG B 552 -25.51 2.54 -17.20
C ARG B 552 -25.13 2.82 -18.65
N ALA B 553 -24.69 4.05 -18.91
CA ALA B 553 -24.21 4.44 -20.23
C ALA B 553 -23.17 3.41 -20.76
N ILE B 554 -22.26 3.01 -19.86
CA ILE B 554 -21.19 2.12 -20.24
C ILE B 554 -21.69 0.72 -20.52
N HIS B 555 -22.50 0.21 -19.62
CA HIS B 555 -22.86 -1.19 -19.75
C HIS B 555 -24.11 -1.45 -20.54
N PHE B 556 -24.80 -0.40 -20.97
CA PHE B 556 -26.02 -0.54 -21.77
C PHE B 556 -25.75 -1.44 -22.94
N PRO B 557 -26.71 -2.32 -23.33
CA PRO B 557 -28.04 -2.60 -22.82
C PRO B 557 -28.09 -3.39 -21.52
N GLN B 558 -26.96 -3.73 -20.92
CA GLN B 558 -27.01 -4.44 -19.66
C GLN B 558 -27.53 -3.53 -18.54
N PRO B 559 -28.38 -4.09 -17.65
CA PRO B 559 -28.85 -3.33 -16.49
C PRO B 559 -27.76 -3.31 -15.47
N LEU B 560 -27.86 -2.35 -14.59
CA LEU B 560 -26.92 -2.20 -13.50
C LEU B 560 -27.13 -3.26 -12.40
N SER B 561 -26.50 -4.43 -12.46
CA SER B 561 -26.61 -5.39 -11.38
C SER B 561 -25.71 -5.05 -10.17
N ASP B 562 -25.80 -5.88 -9.16
CA ASP B 562 -25.03 -5.66 -7.96
C ASP B 562 -23.56 -5.92 -8.28
N ASP B 563 -23.30 -6.98 -9.06
CA ASP B 563 -22.00 -7.37 -9.50
C ASP B 563 -21.28 -6.24 -10.24
N ILE B 564 -22.04 -5.47 -11.02
CA ILE B 564 -21.48 -4.46 -11.88
C ILE B 564 -21.17 -3.31 -11.00
N ARG B 565 -22.09 -2.93 -10.13
CA ARG B 565 -21.79 -1.85 -9.19
C ARG B 565 -20.51 -2.03 -8.36
N ALA B 566 -20.15 -3.28 -8.10
CA ALA B 566 -19.13 -3.60 -7.14
C ALA B 566 -17.89 -4.16 -7.88
N ALA B 567 -17.92 -4.03 -9.20
CA ALA B 567 -16.87 -4.59 -10.03
C ALA B 567 -15.61 -3.72 -9.95
N PRO B 568 -14.46 -4.33 -10.23
CA PRO B 568 -13.25 -3.50 -10.29
C PRO B 568 -13.35 -2.54 -11.47
N ILE B 569 -12.75 -1.39 -11.32
CA ILE B 569 -12.83 -0.32 -12.29
C ILE B 569 -12.43 -0.79 -13.68
N SER B 570 -11.42 -1.68 -13.74
CA SER B 570 -10.94 -2.21 -15.00
C SER B 570 -12.01 -2.95 -15.76
N CYS B 571 -13.06 -3.44 -15.07
CA CYS B 571 -14.21 -4.02 -15.77
C CYS B 571 -15.03 -2.91 -16.57
N HIS B 572 -15.26 -1.77 -15.95
CA HIS B 572 -15.94 -0.67 -16.62
C HIS B 572 -15.10 -0.16 -17.74
N VAL B 573 -13.79 -0.11 -17.51
CA VAL B 573 -12.90 0.39 -18.55
C VAL B 573 -12.94 -0.47 -19.80
N GLN B 574 -12.76 -1.76 -19.61
CA GLN B 574 -12.69 -2.67 -20.72
C GLN B 574 -13.98 -2.59 -21.61
N VAL B 575 -15.11 -2.29 -21.01
CA VAL B 575 -16.36 -2.20 -21.76
C VAL B 575 -16.49 -0.84 -22.40
N ALA B 576 -16.23 0.19 -21.61
CA ALA B 576 -16.31 1.55 -22.17
C ALA B 576 -15.38 1.76 -23.28
N HIS B 577 -14.25 1.07 -23.26
CA HIS B 577 -13.24 1.30 -24.28
C HIS B 577 -13.78 1.09 -25.68
N GLU B 578 -14.78 0.26 -25.81
CA GLU B 578 -15.31 -0.16 -27.11
C GLU B 578 -16.40 0.70 -27.66
N LYS B 579 -16.86 1.73 -26.92
CA LYS B 579 -18.07 2.43 -27.24
C LYS B 579 -17.86 3.87 -27.62
N GLU B 580 -18.92 4.49 -28.11
CA GLU B 580 -18.86 5.85 -28.57
C GLU B 580 -19.75 6.76 -27.71
N GLN B 581 -19.33 7.99 -27.47
CA GLN B 581 -20.20 8.95 -26.81
C GLN B 581 -20.70 8.48 -25.43
N VAL B 582 -20.02 7.54 -24.79
CA VAL B 582 -20.41 7.19 -23.45
C VAL B 582 -20.73 8.38 -22.57
N ILE B 583 -19.86 9.36 -22.55
CA ILE B 583 -19.95 10.34 -21.53
C ILE B 583 -20.98 11.35 -21.87
N PRO B 584 -21.09 11.64 -23.16
CA PRO B 584 -22.21 12.59 -23.41
C PRO B 584 -23.60 11.96 -23.11
N ILE B 585 -23.75 10.69 -23.40
CA ILE B 585 -24.97 10.00 -23.10
C ILE B 585 -25.24 10.02 -21.61
N ALA B 586 -24.22 9.75 -20.79
CA ALA B 586 -24.39 9.74 -19.34
C ALA B 586 -24.80 11.10 -18.82
N LEU B 587 -24.24 12.17 -19.39
CA LEU B 587 -24.62 13.50 -19.00
C LEU B 587 -26.06 13.84 -19.41
N LEU B 588 -26.47 13.45 -20.62
CA LEU B 588 -27.81 13.84 -21.08
C LEU B 588 -28.84 13.16 -20.16
N SER B 589 -28.58 11.93 -19.79
CA SER B 589 -29.39 11.21 -18.83
C SER B 589 -29.51 12.02 -17.55
N LEU B 590 -28.40 12.45 -16.98
CA LEU B 590 -28.46 13.24 -15.81
C LEU B 590 -29.27 14.48 -16.04
N LEU B 591 -28.89 15.28 -17.03
CA LEU B 591 -29.56 16.55 -17.24
C LEU B 591 -31.08 16.41 -17.45
N PHE B 592 -31.52 15.49 -18.29
CA PHE B 592 -32.96 15.25 -18.48
C PHE B 592 -33.63 14.30 -17.48
N ARG B 593 -32.91 13.86 -16.46
CA ARG B 593 -33.48 12.90 -15.54
C ARG B 593 -34.10 11.73 -16.27
N CYS B 594 -33.49 11.30 -17.36
CA CYS B 594 -34.12 10.30 -18.22
C CYS B 594 -33.30 9.05 -18.29
N SER B 595 -33.72 8.09 -19.13
CA SER B 595 -33.03 6.79 -19.29
C SER B 595 -32.02 6.79 -20.44
N ILE B 596 -31.17 5.77 -20.49
CA ILE B 596 -30.13 5.69 -21.54
C ILE B 596 -30.80 5.64 -22.92
N THR B 597 -31.84 4.80 -23.01
CA THR B 597 -32.63 4.65 -24.22
C THR B 597 -33.12 6.00 -24.73
N GLU B 598 -33.58 6.81 -23.79
CA GLU B 598 -34.02 8.15 -24.10
C GLU B 598 -32.89 9.14 -24.40
N ALA B 599 -31.74 8.98 -23.75
CA ALA B 599 -30.57 9.84 -24.03
C ALA B 599 -29.99 9.51 -25.42
N GLN B 600 -29.80 8.25 -25.72
CA GLN B 600 -29.38 7.92 -27.05
C GLN B 600 -30.28 8.45 -28.13
N ALA B 601 -31.58 8.17 -28.04
CA ALA B 601 -32.49 8.58 -29.12
C ALA B 601 -32.37 10.04 -29.37
N HIS B 602 -32.17 10.77 -28.28
CA HIS B 602 -32.11 12.19 -28.30
C HIS B 602 -30.77 12.64 -28.89
N LEU B 603 -29.70 11.91 -28.58
CA LEU B 603 -28.39 12.21 -29.18
C LEU B 603 -28.44 11.96 -30.70
N ALA B 604 -29.01 10.84 -31.13
CA ALA B 604 -29.17 10.54 -32.55
C ALA B 604 -30.06 11.55 -33.29
N ALA B 605 -30.94 12.25 -32.56
CA ALA B 605 -31.87 13.21 -33.16
C ALA B 605 -31.19 14.56 -33.38
N ALA B 606 -30.32 14.96 -32.47
CA ALA B 606 -29.73 16.31 -32.51
C ALA B 606 -28.71 16.50 -33.67
N PRO B 607 -28.37 17.77 -34.01
CA PRO B 607 -27.43 18.03 -35.12
C PRO B 607 -26.06 17.34 -34.96
N SER B 608 -25.42 17.57 -33.81
CA SER B 608 -24.12 17.00 -33.47
C SER B 608 -24.09 16.63 -31.98
N VAL B 609 -23.08 15.86 -31.58
CA VAL B 609 -22.87 15.60 -30.17
C VAL B 609 -22.70 16.90 -29.44
N CYS B 610 -21.83 17.74 -29.98
CA CYS B 610 -21.49 19.01 -29.38
C CYS B 610 -22.72 19.89 -29.16
N GLU B 611 -23.66 19.89 -30.11
CA GLU B 611 -24.79 20.78 -29.94
C GLU B 611 -25.80 20.18 -28.97
N ALA B 612 -25.95 18.86 -29.01
CA ALA B 612 -26.86 18.19 -28.05
C ALA B 612 -26.47 18.54 -26.65
N VAL B 613 -25.21 18.33 -26.32
CA VAL B 613 -24.75 18.57 -24.95
C VAL B 613 -25.02 20.03 -24.56
N ARG B 614 -24.71 20.94 -25.48
CA ARG B 614 -24.84 22.37 -25.21
C ARG B 614 -26.28 22.82 -24.91
N SER B 615 -27.24 22.30 -25.69
CA SER B 615 -28.64 22.70 -25.54
C SER B 615 -29.07 22.32 -24.15
N ALA B 616 -28.86 21.06 -23.81
CA ALA B 616 -29.20 20.51 -22.53
C ALA B 616 -28.54 21.27 -21.37
N LEU B 617 -27.36 21.84 -21.55
CA LEU B 617 -26.79 22.71 -20.51
C LEU B 617 -27.26 24.16 -20.58
N ALA B 618 -28.41 24.40 -21.22
CA ALA B 618 -29.03 25.75 -21.20
C ALA B 618 -30.57 25.68 -21.15
#